data_3GV3
# 
_entry.id   3GV3 
# 
_audit_conform.dict_name       mmcif_pdbx.dic 
_audit_conform.dict_version    5.399 
_audit_conform.dict_location   http://mmcif.pdb.org/dictionaries/ascii/mmcif_pdbx.dic 
# 
loop_
_database_2.database_id 
_database_2.database_code 
_database_2.pdbx_database_accession 
_database_2.pdbx_DOI 
PDB   3GV3         pdb_00003gv3 10.2210/pdb3gv3/pdb 
RCSB  RCSB052343   ?            ?                   
WWPDB D_1000052343 ?            ?                   
# 
loop_
_pdbx_audit_revision_history.ordinal 
_pdbx_audit_revision_history.data_content_type 
_pdbx_audit_revision_history.major_revision 
_pdbx_audit_revision_history.minor_revision 
_pdbx_audit_revision_history.revision_date 
1 'Structure model' 1 0 2010-01-26 
2 'Structure model' 1 1 2011-07-13 
3 'Structure model' 1 2 2021-10-13 
4 'Structure model' 1 3 2024-11-27 
# 
_pdbx_audit_revision_details.ordinal             1 
_pdbx_audit_revision_details.revision_ordinal    1 
_pdbx_audit_revision_details.data_content_type   'Structure model' 
_pdbx_audit_revision_details.provider            repository 
_pdbx_audit_revision_details.type                'Initial release' 
_pdbx_audit_revision_details.description         ? 
_pdbx_audit_revision_details.details             ? 
# 
loop_
_pdbx_audit_revision_group.ordinal 
_pdbx_audit_revision_group.revision_ordinal 
_pdbx_audit_revision_group.data_content_type 
_pdbx_audit_revision_group.group 
1 2 'Structure model' Advisory                    
2 2 'Structure model' 'Version format compliance' 
3 3 'Structure model' 'Database references'       
4 4 'Structure model' 'Data collection'           
5 4 'Structure model' 'Structure summary'         
# 
loop_
_pdbx_audit_revision_category.ordinal 
_pdbx_audit_revision_category.revision_ordinal 
_pdbx_audit_revision_category.data_content_type 
_pdbx_audit_revision_category.category 
1 3 'Structure model' database_2                
2 3 'Structure model' struct_ref_seq_dif        
3 4 'Structure model' chem_comp_atom            
4 4 'Structure model' chem_comp_bond            
5 4 'Structure model' pdbx_entry_details        
6 4 'Structure model' pdbx_modification_feature 
# 
loop_
_pdbx_audit_revision_item.ordinal 
_pdbx_audit_revision_item.revision_ordinal 
_pdbx_audit_revision_item.data_content_type 
_pdbx_audit_revision_item.item 
1 3 'Structure model' '_database_2.pdbx_DOI'                
2 3 'Structure model' '_database_2.pdbx_database_accession' 
3 3 'Structure model' '_struct_ref_seq_dif.details'         
# 
_pdbx_database_status.status_code                     REL 
_pdbx_database_status.entry_id                        3GV3 
_pdbx_database_status.recvd_initial_deposition_date   2009-03-30 
_pdbx_database_status.deposit_site                    RCSB 
_pdbx_database_status.process_site                    RCSB 
_pdbx_database_status.status_code_sf                  REL 
_pdbx_database_status.status_code_mr                  ? 
_pdbx_database_status.SG_entry                        ? 
_pdbx_database_status.pdb_format_compatible           Y 
_pdbx_database_status.status_code_cs                  ? 
_pdbx_database_status.status_code_nmr_data            ? 
_pdbx_database_status.methods_development_category    ? 
# 
loop_
_audit_author.name 
_audit_author.pdbx_ordinal 
'Murphy, J.W.' 1 
'Crichlow, G.' 2 
'Lolis, E.'    3 
# 
_citation.id                        primary 
_citation.title                     'Heterologous quaternary structure of CXCL12 and its relationship to the CC chemokine family.' 
_citation.journal_abbrev            Proteins 
_citation.journal_volume            78 
_citation.page_first                1331 
_citation.page_last                 1337 
_citation.year                      2009 
_citation.journal_id_ASTM           PSFGEY 
_citation.country                   US 
_citation.journal_id_ISSN           0887-3585 
_citation.journal_id_CSD            0867 
_citation.book_publisher            ? 
_citation.pdbx_database_id_PubMed   20077567 
_citation.pdbx_database_id_DOI      10.1002/prot.22666 
# 
loop_
_citation_author.citation_id 
_citation_author.name 
_citation_author.ordinal 
_citation_author.identifier_ORCID 
primary 'Murphy, J.W.' 1 ? 
primary 'Yuan, H.'     2 ? 
primary 'Kong, Y.'     3 ? 
primary 'Xiong, Y.'    4 ? 
primary 'Lolis, E.J.'  5 ? 
# 
loop_
_entity.id 
_entity.type 
_entity.src_method 
_entity.pdbx_description 
_entity.formula_weight 
_entity.pdbx_number_of_molecules 
_entity.pdbx_ec 
_entity.pdbx_mutation 
_entity.pdbx_fragment 
_entity.details 
1 polymer man 'CXCL12 protein' 7450.803 1  ? V18I ? ? 
2 water   nat water            18.015   58 ? ?    ? ? 
# 
_entity_poly.entity_id                      1 
_entity_poly.type                           'polypeptide(L)' 
_entity_poly.nstd_linkage                   no 
_entity_poly.nstd_monomer                   no 
_entity_poly.pdbx_seq_one_letter_code       LSYRCPCRFFESHIARANVKHLKILNTPNCALQIVARLKNNNRQVCIDPKLKWIQEYLEKALN 
_entity_poly.pdbx_seq_one_letter_code_can   LSYRCPCRFFESHIARANVKHLKILNTPNCALQIVARLKNNNRQVCIDPKLKWIQEYLEKALN 
_entity_poly.pdbx_strand_id                 A 
_entity_poly.pdbx_target_identifier         ? 
# 
_pdbx_entity_nonpoly.entity_id   2 
_pdbx_entity_nonpoly.name        water 
_pdbx_entity_nonpoly.comp_id     HOH 
# 
loop_
_entity_poly_seq.entity_id 
_entity_poly_seq.num 
_entity_poly_seq.mon_id 
_entity_poly_seq.hetero 
1 1  LEU n 
1 2  SER n 
1 3  TYR n 
1 4  ARG n 
1 5  CYS n 
1 6  PRO n 
1 7  CYS n 
1 8  ARG n 
1 9  PHE n 
1 10 PHE n 
1 11 GLU n 
1 12 SER n 
1 13 HIS n 
1 14 ILE n 
1 15 ALA n 
1 16 ARG n 
1 17 ALA n 
1 18 ASN n 
1 19 VAL n 
1 20 LYS n 
1 21 HIS n 
1 22 LEU n 
1 23 LYS n 
1 24 ILE n 
1 25 LEU n 
1 26 ASN n 
1 27 THR n 
1 28 PRO n 
1 29 ASN n 
1 30 CYS n 
1 31 ALA n 
1 32 LEU n 
1 33 GLN n 
1 34 ILE n 
1 35 VAL n 
1 36 ALA n 
1 37 ARG n 
1 38 LEU n 
1 39 LYS n 
1 40 ASN n 
1 41 ASN n 
1 42 ASN n 
1 43 ARG n 
1 44 GLN n 
1 45 VAL n 
1 46 CYS n 
1 47 ILE n 
1 48 ASP n 
1 49 PRO n 
1 50 LYS n 
1 51 LEU n 
1 52 LYS n 
1 53 TRP n 
1 54 ILE n 
1 55 GLN n 
1 56 GLU n 
1 57 TYR n 
1 58 LEU n 
1 59 GLU n 
1 60 LYS n 
1 61 ALA n 
1 62 LEU n 
1 63 ASN n 
# 
_entity_src_gen.entity_id                          1 
_entity_src_gen.pdbx_src_id                        1 
_entity_src_gen.pdbx_alt_source_flag               sample 
_entity_src_gen.pdbx_seq_type                      ? 
_entity_src_gen.pdbx_beg_seq_num                   ? 
_entity_src_gen.pdbx_end_seq_num                   ? 
_entity_src_gen.gene_src_common_name               human 
_entity_src_gen.gene_src_genus                     ? 
_entity_src_gen.pdbx_gene_src_gene                 'CXCL12, hCG_25667' 
_entity_src_gen.gene_src_species                   ? 
_entity_src_gen.gene_src_strain                    ? 
_entity_src_gen.gene_src_tissue                    ? 
_entity_src_gen.gene_src_tissue_fraction           ? 
_entity_src_gen.gene_src_details                   ? 
_entity_src_gen.pdbx_gene_src_fragment             ? 
_entity_src_gen.pdbx_gene_src_scientific_name      'Homo sapiens' 
_entity_src_gen.pdbx_gene_src_ncbi_taxonomy_id     9606 
_entity_src_gen.pdbx_gene_src_variant              ? 
_entity_src_gen.pdbx_gene_src_cell_line            ? 
_entity_src_gen.pdbx_gene_src_atcc                 ? 
_entity_src_gen.pdbx_gene_src_organ                ? 
_entity_src_gen.pdbx_gene_src_organelle            ? 
_entity_src_gen.pdbx_gene_src_cell                 ? 
_entity_src_gen.pdbx_gene_src_cellular_location    ? 
_entity_src_gen.host_org_common_name               ? 
_entity_src_gen.pdbx_host_org_scientific_name      'Escherichia coli' 
_entity_src_gen.pdbx_host_org_ncbi_taxonomy_id     562 
_entity_src_gen.host_org_genus                     ? 
_entity_src_gen.pdbx_host_org_gene                 ? 
_entity_src_gen.pdbx_host_org_organ                ? 
_entity_src_gen.host_org_species                   ? 
_entity_src_gen.pdbx_host_org_tissue               ? 
_entity_src_gen.pdbx_host_org_tissue_fraction      ? 
_entity_src_gen.pdbx_host_org_strain               ? 
_entity_src_gen.pdbx_host_org_variant              ? 
_entity_src_gen.pdbx_host_org_cell_line            ? 
_entity_src_gen.pdbx_host_org_atcc                 ? 
_entity_src_gen.pdbx_host_org_culture_collection   ? 
_entity_src_gen.pdbx_host_org_cell                 ? 
_entity_src_gen.pdbx_host_org_organelle            ? 
_entity_src_gen.pdbx_host_org_cellular_location    ? 
_entity_src_gen.pdbx_host_org_vector_type          ? 
_entity_src_gen.pdbx_host_org_vector               ? 
_entity_src_gen.host_org_details                   ? 
_entity_src_gen.expression_system_id               ? 
_entity_src_gen.plasmid_name                       ? 
_entity_src_gen.plasmid_details                    ? 
_entity_src_gen.pdbx_description                   ? 
# 
loop_
_chem_comp.id 
_chem_comp.type 
_chem_comp.mon_nstd_flag 
_chem_comp.name 
_chem_comp.pdbx_synonyms 
_chem_comp.formula 
_chem_comp.formula_weight 
ALA 'L-peptide linking' y ALANINE         ? 'C3 H7 N O2'     89.093  
ARG 'L-peptide linking' y ARGININE        ? 'C6 H15 N4 O2 1' 175.209 
ASN 'L-peptide linking' y ASPARAGINE      ? 'C4 H8 N2 O3'    132.118 
ASP 'L-peptide linking' y 'ASPARTIC ACID' ? 'C4 H7 N O4'     133.103 
CYS 'L-peptide linking' y CYSTEINE        ? 'C3 H7 N O2 S'   121.158 
GLN 'L-peptide linking' y GLUTAMINE       ? 'C5 H10 N2 O3'   146.144 
GLU 'L-peptide linking' y 'GLUTAMIC ACID' ? 'C5 H9 N O4'     147.129 
HIS 'L-peptide linking' y HISTIDINE       ? 'C6 H10 N3 O2 1' 156.162 
HOH non-polymer         . WATER           ? 'H2 O'           18.015  
ILE 'L-peptide linking' y ISOLEUCINE      ? 'C6 H13 N O2'    131.173 
LEU 'L-peptide linking' y LEUCINE         ? 'C6 H13 N O2'    131.173 
LYS 'L-peptide linking' y LYSINE          ? 'C6 H15 N2 O2 1' 147.195 
PHE 'L-peptide linking' y PHENYLALANINE   ? 'C9 H11 N O2'    165.189 
PRO 'L-peptide linking' y PROLINE         ? 'C5 H9 N O2'     115.130 
SER 'L-peptide linking' y SERINE          ? 'C3 H7 N O3'     105.093 
THR 'L-peptide linking' y THREONINE       ? 'C4 H9 N O3'     119.119 
TRP 'L-peptide linking' y TRYPTOPHAN      ? 'C11 H12 N2 O2'  204.225 
TYR 'L-peptide linking' y TYROSINE        ? 'C9 H11 N O3'    181.189 
VAL 'L-peptide linking' y VALINE          ? 'C5 H11 N O2'    117.146 
# 
loop_
_pdbx_poly_seq_scheme.asym_id 
_pdbx_poly_seq_scheme.entity_id 
_pdbx_poly_seq_scheme.seq_id 
_pdbx_poly_seq_scheme.mon_id 
_pdbx_poly_seq_scheme.ndb_seq_num 
_pdbx_poly_seq_scheme.pdb_seq_num 
_pdbx_poly_seq_scheme.auth_seq_num 
_pdbx_poly_seq_scheme.pdb_mon_id 
_pdbx_poly_seq_scheme.auth_mon_id 
_pdbx_poly_seq_scheme.pdb_strand_id 
_pdbx_poly_seq_scheme.pdb_ins_code 
_pdbx_poly_seq_scheme.hetero 
A 1 1  LEU 1  5  5  LEU LEU A . n 
A 1 2  SER 2  6  6  SER SER A . n 
A 1 3  TYR 3  7  7  TYR TYR A . n 
A 1 4  ARG 4  8  8  ARG ARG A . n 
A 1 5  CYS 5  9  9  CYS CYS A . n 
A 1 6  PRO 6  10 10 PRO PRO A . n 
A 1 7  CYS 7  11 11 CYS CYS A . n 
A 1 8  ARG 8  12 12 ARG ARG A . n 
A 1 9  PHE 9  13 13 PHE PHE A . n 
A 1 10 PHE 10 14 14 PHE PHE A . n 
A 1 11 GLU 11 15 15 GLU GLU A . n 
A 1 12 SER 12 16 16 SER SER A . n 
A 1 13 HIS 13 17 17 HIS HIS A . n 
A 1 14 ILE 14 18 18 ILE ILE A . n 
A 1 15 ALA 15 19 19 ALA ALA A . n 
A 1 16 ARG 16 20 20 ARG ARG A . n 
A 1 17 ALA 17 21 21 ALA ALA A . n 
A 1 18 ASN 18 22 22 ASN ASN A . n 
A 1 19 VAL 19 23 23 VAL VAL A . n 
A 1 20 LYS 20 24 24 LYS LYS A . n 
A 1 21 HIS 21 25 25 HIS HIS A . n 
A 1 22 LEU 22 26 26 LEU LEU A . n 
A 1 23 LYS 23 27 27 LYS LYS A . n 
A 1 24 ILE 24 28 28 ILE ILE A . n 
A 1 25 LEU 25 29 29 LEU LEU A . n 
A 1 26 ASN 26 30 30 ASN ASN A . n 
A 1 27 THR 27 31 31 THR THR A . n 
A 1 28 PRO 28 32 32 PRO PRO A . n 
A 1 29 ASN 29 33 33 ASN ASN A . n 
A 1 30 CYS 30 34 34 CYS CYS A . n 
A 1 31 ALA 31 35 35 ALA ALA A . n 
A 1 32 LEU 32 36 36 LEU LEU A . n 
A 1 33 GLN 33 37 37 GLN GLN A . n 
A 1 34 ILE 34 38 38 ILE ILE A . n 
A 1 35 VAL 35 39 39 VAL VAL A . n 
A 1 36 ALA 36 40 40 ALA ALA A . n 
A 1 37 ARG 37 41 41 ARG ARG A . n 
A 1 38 LEU 38 42 42 LEU LEU A . n 
A 1 39 LYS 39 43 43 LYS LYS A . n 
A 1 40 ASN 40 44 44 ASN ASN A . n 
A 1 41 ASN 41 45 45 ASN ASN A . n 
A 1 42 ASN 42 46 46 ASN ASN A . n 
A 1 43 ARG 43 47 47 ARG ARG A . n 
A 1 44 GLN 44 48 48 GLN GLN A . n 
A 1 45 VAL 45 49 49 VAL VAL A . n 
A 1 46 CYS 46 50 50 CYS CYS A . n 
A 1 47 ILE 47 51 51 ILE ILE A . n 
A 1 48 ASP 48 52 52 ASP ASP A . n 
A 1 49 PRO 49 53 53 PRO PRO A . n 
A 1 50 LYS 50 54 54 LYS LYS A . n 
A 1 51 LEU 51 55 55 LEU LEU A . n 
A 1 52 LYS 52 56 56 LYS LYS A . n 
A 1 53 TRP 53 57 57 TRP TRP A . n 
A 1 54 ILE 54 58 58 ILE ILE A . n 
A 1 55 GLN 55 59 59 GLN GLN A . n 
A 1 56 GLU 56 60 60 GLU GLU A . n 
A 1 57 TYR 57 61 61 TYR TYR A . n 
A 1 58 LEU 58 62 62 LEU LEU A . n 
A 1 59 GLU 59 63 63 GLU GLU A . n 
A 1 60 LYS 60 64 64 LYS LYS A . n 
A 1 61 ALA 61 65 65 ALA ALA A . n 
A 1 62 LEU 62 66 66 LEU LEU A . n 
A 1 63 ASN 63 67 67 ASN ASN A . n 
# 
loop_
_pdbx_nonpoly_scheme.asym_id 
_pdbx_nonpoly_scheme.entity_id 
_pdbx_nonpoly_scheme.mon_id 
_pdbx_nonpoly_scheme.ndb_seq_num 
_pdbx_nonpoly_scheme.pdb_seq_num 
_pdbx_nonpoly_scheme.auth_seq_num 
_pdbx_nonpoly_scheme.pdb_mon_id 
_pdbx_nonpoly_scheme.auth_mon_id 
_pdbx_nonpoly_scheme.pdb_strand_id 
_pdbx_nonpoly_scheme.pdb_ins_code 
B 2 HOH 1  1   1  HOH HOH A . 
B 2 HOH 2  2   2  HOH HOH A . 
B 2 HOH 3  3   3  HOH HOH A . 
B 2 HOH 4  4   4  HOH HOH A . 
B 2 HOH 5  68  5  HOH HOH A . 
B 2 HOH 6  69  6  HOH HOH A . 
B 2 HOH 7  70  7  HOH HOH A . 
B 2 HOH 8  71  8  HOH HOH A . 
B 2 HOH 9  72  9  HOH HOH A . 
B 2 HOH 10 73  10 HOH HOH A . 
B 2 HOH 11 74  11 HOH HOH A . 
B 2 HOH 12 75  12 HOH HOH A . 
B 2 HOH 13 76  13 HOH HOH A . 
B 2 HOH 14 77  14 HOH HOH A . 
B 2 HOH 15 78  15 HOH HOH A . 
B 2 HOH 16 79  16 HOH HOH A . 
B 2 HOH 17 80  17 HOH HOH A . 
B 2 HOH 18 81  18 HOH HOH A . 
B 2 HOH 19 82  19 HOH HOH A . 
B 2 HOH 20 83  20 HOH HOH A . 
B 2 HOH 21 84  21 HOH HOH A . 
B 2 HOH 22 85  22 HOH HOH A . 
B 2 HOH 23 86  23 HOH HOH A . 
B 2 HOH 24 87  24 HOH HOH A . 
B 2 HOH 25 88  25 HOH HOH A . 
B 2 HOH 26 89  26 HOH HOH A . 
B 2 HOH 27 90  27 HOH HOH A . 
B 2 HOH 28 91  28 HOH HOH A . 
B 2 HOH 29 92  29 HOH HOH A . 
B 2 HOH 30 93  30 HOH HOH A . 
B 2 HOH 31 94  31 HOH HOH A . 
B 2 HOH 32 95  32 HOH HOH A . 
B 2 HOH 33 96  33 HOH HOH A . 
B 2 HOH 34 97  34 HOH HOH A . 
B 2 HOH 35 98  35 HOH HOH A . 
B 2 HOH 36 99  36 HOH HOH A . 
B 2 HOH 37 100 37 HOH HOH A . 
B 2 HOH 38 101 38 HOH HOH A . 
B 2 HOH 39 102 39 HOH HOH A . 
B 2 HOH 40 103 40 HOH HOH A . 
B 2 HOH 41 104 41 HOH HOH A . 
B 2 HOH 42 105 42 HOH HOH A . 
B 2 HOH 43 106 43 HOH HOH A . 
B 2 HOH 44 107 44 HOH HOH A . 
B 2 HOH 45 108 45 HOH HOH A . 
B 2 HOH 46 109 46 HOH HOH A . 
B 2 HOH 47 110 47 HOH HOH A . 
B 2 HOH 48 111 48 HOH HOH A . 
B 2 HOH 49 112 49 HOH HOH A . 
B 2 HOH 50 113 50 HOH HOH A . 
B 2 HOH 51 114 51 HOH HOH A . 
B 2 HOH 52 115 52 HOH HOH A . 
B 2 HOH 53 116 53 HOH HOH A . 
B 2 HOH 54 117 54 HOH HOH A . 
B 2 HOH 55 118 55 HOH HOH A . 
B 2 HOH 56 119 56 HOH HOH A . 
B 2 HOH 57 120 57 HOH HOH A . 
B 2 HOH 58 121 58 HOH HOH A . 
# 
loop_
_pdbx_unobs_or_zero_occ_atoms.id 
_pdbx_unobs_or_zero_occ_atoms.PDB_model_num 
_pdbx_unobs_or_zero_occ_atoms.polymer_flag 
_pdbx_unobs_or_zero_occ_atoms.occupancy_flag 
_pdbx_unobs_or_zero_occ_atoms.auth_asym_id 
_pdbx_unobs_or_zero_occ_atoms.auth_comp_id 
_pdbx_unobs_or_zero_occ_atoms.auth_seq_id 
_pdbx_unobs_or_zero_occ_atoms.PDB_ins_code 
_pdbx_unobs_or_zero_occ_atoms.auth_atom_id 
_pdbx_unobs_or_zero_occ_atoms.label_alt_id 
_pdbx_unobs_or_zero_occ_atoms.label_asym_id 
_pdbx_unobs_or_zero_occ_atoms.label_comp_id 
_pdbx_unobs_or_zero_occ_atoms.label_seq_id 
_pdbx_unobs_or_zero_occ_atoms.label_atom_id 
1  1 Y 1 A LEU 5  ? CB  ? A LEU 1  CB  
2  1 Y 1 A LEU 5  ? CG  ? A LEU 1  CG  
3  1 Y 1 A LEU 5  ? CD1 ? A LEU 1  CD1 
4  1 Y 1 A LEU 5  ? CD2 ? A LEU 1  CD2 
5  1 Y 1 A SER 6  ? OG  ? A SER 2  OG  
6  1 Y 1 A ARG 8  ? NE  ? A ARG 4  NE  
7  1 Y 1 A ARG 8  ? CZ  ? A ARG 4  CZ  
8  1 Y 1 A ARG 8  ? NH1 ? A ARG 4  NH1 
9  1 Y 1 A ARG 8  ? NH2 ? A ARG 4  NH2 
10 1 Y 1 A LYS 54 ? CE  ? A LYS 50 CE  
11 1 Y 1 A LYS 54 ? NZ  ? A LYS 50 NZ  
12 1 Y 1 A LYS 56 ? CG  ? A LYS 52 CG  
13 1 Y 1 A LYS 56 ? CD  ? A LYS 52 CD  
14 1 Y 1 A LYS 56 ? CE  ? A LYS 52 CE  
15 1 Y 1 A LYS 56 ? NZ  ? A LYS 52 NZ  
16 1 Y 1 A LYS 64 ? NZ  ? A LYS 60 NZ  
17 1 Y 1 A ASN 67 ? CA  ? A ASN 63 CA  
18 1 Y 1 A ASN 67 ? C   ? A ASN 63 C   
19 1 Y 1 A ASN 67 ? O   ? A ASN 63 O   
20 1 Y 1 A ASN 67 ? CB  ? A ASN 63 CB  
21 1 Y 1 A ASN 67 ? CG  ? A ASN 63 CG  
22 1 Y 1 A ASN 67 ? OD1 ? A ASN 63 OD1 
23 1 Y 1 A ASN 67 ? ND2 ? A ASN 63 ND2 
# 
loop_
_software.name 
_software.classification 
_software.version 
_software.citation_id 
_software.pdbx_ordinal 
CBASS    'data collection' .        ? 1 
PHASER   phasing           .        ? 2 
REFMAC   refinement        5.5.0070 ? 3 
HKL-2000 'data reduction'  .        ? 4 
HKL-2000 'data scaling'    .        ? 5 
# 
_cell.entry_id           3GV3 
_cell.length_a           55.510 
_cell.length_b           55.510 
_cell.length_c           45.963 
_cell.angle_alpha        90.00 
_cell.angle_beta         90.00 
_cell.angle_gamma        120.00 
_cell.Z_PDB              6 
_cell.pdbx_unique_axis   ? 
_cell.length_a_esd       ? 
_cell.length_b_esd       ? 
_cell.length_c_esd       ? 
_cell.angle_alpha_esd    ? 
_cell.angle_beta_esd     ? 
_cell.angle_gamma_esd    ? 
# 
_symmetry.entry_id                         3GV3 
_symmetry.space_group_name_H-M             'P 32 2 1' 
_symmetry.pdbx_full_space_group_name_H-M   ? 
_symmetry.cell_setting                     ? 
_symmetry.Int_Tables_number                154 
_symmetry.space_group_name_Hall            ? 
# 
_exptl.entry_id          3GV3 
_exptl.method            'X-RAY DIFFRACTION' 
_exptl.crystals_number   1 
# 
_exptl_crystal.id                    1 
_exptl_crystal.density_meas          ? 
_exptl_crystal.density_Matthews      2.74 
_exptl_crystal.density_percent_sol   55.17 
_exptl_crystal.description           ? 
_exptl_crystal.F_000                 ? 
_exptl_crystal.preparation           ? 
# 
_exptl_crystal_grow.crystal_id      1 
_exptl_crystal_grow.method          'VAPOR DIFFUSION, HANGING DROP' 
_exptl_crystal_grow.temp            300 
_exptl_crystal_grow.temp_details    ? 
_exptl_crystal_grow.pH              8.5 
_exptl_crystal_grow.pdbx_details    
'0.2 M LiSO4, 0.1 M Tris HCl, 30% PEG 4000, pH 8.5, VAPOR DIFFUSION, HANGING DROP, temperature 300K' 
_exptl_crystal_grow.pdbx_pH_range   ? 
# 
_diffrn.id                     1 
_diffrn.ambient_temp           100 
_diffrn.ambient_temp_details   ? 
_diffrn.crystal_id             1 
# 
_diffrn_detector.diffrn_id              1 
_diffrn_detector.detector               CCD 
_diffrn_detector.type                   'ADSC QUANTUM 315r' 
_diffrn_detector.pdbx_collection_date   ? 
_diffrn_detector.details                ? 
# 
_diffrn_radiation.diffrn_id                        1 
_diffrn_radiation.wavelength_id                    1 
_diffrn_radiation.pdbx_monochromatic_or_laue_m_l   M 
_diffrn_radiation.monochromator                    ? 
_diffrn_radiation.pdbx_diffrn_protocol             'SINGLE WAVELENGTH' 
_diffrn_radiation.pdbx_scattering_type             x-ray 
# 
_diffrn_radiation_wavelength.id           1 
_diffrn_radiation_wavelength.wavelength   1.0809 
_diffrn_radiation_wavelength.wt           1.0 
# 
_diffrn_source.diffrn_id                   1 
_diffrn_source.source                      SYNCHROTRON 
_diffrn_source.type                        'NSLS BEAMLINE X29A' 
_diffrn_source.pdbx_synchrotron_site       NSLS 
_diffrn_source.pdbx_synchrotron_beamline   X29A 
_diffrn_source.pdbx_wavelength             ? 
_diffrn_source.pdbx_wavelength_list        1.0809 
# 
_reflns.entry_id                     3GV3 
_reflns.observed_criterion_sigma_I   ? 
_reflns.observed_criterion_sigma_F   ? 
_reflns.d_resolution_low             48.06 
_reflns.d_resolution_high            1.6 
_reflns.number_obs                   11094 
_reflns.number_all                   ? 
_reflns.percent_possible_obs         ? 
_reflns.pdbx_Rmerge_I_obs            ? 
_reflns.pdbx_Rsym_value              ? 
_reflns.pdbx_netI_over_sigmaI        ? 
_reflns.B_iso_Wilson_estimate        ? 
_reflns.pdbx_redundancy              ? 
_reflns.R_free_details               ? 
_reflns.limit_h_max                  ? 
_reflns.limit_h_min                  ? 
_reflns.limit_k_max                  ? 
_reflns.limit_k_min                  ? 
_reflns.limit_l_max                  ? 
_reflns.limit_l_min                  ? 
_reflns.observed_criterion_F_max     ? 
_reflns.observed_criterion_F_min     ? 
_reflns.pdbx_chi_squared             ? 
_reflns.pdbx_scaling_rejects         ? 
_reflns.pdbx_ordinal                 1 
_reflns.pdbx_diffrn_id               1 
# 
_refine.entry_id                                 3GV3 
_refine.ls_number_reflns_obs                     10408 
_refine.ls_number_reflns_all                     ? 
_refine.pdbx_ls_sigma_I                          ? 
_refine.pdbx_ls_sigma_F                          ? 
_refine.pdbx_data_cutoff_high_absF               ? 
_refine.pdbx_data_cutoff_low_absF                ? 
_refine.pdbx_data_cutoff_high_rms_absF           ? 
_refine.ls_d_res_low                             48.06 
_refine.ls_d_res_high                            1.60 
_refine.ls_percent_reflns_obs                    98.71 
_refine.ls_R_factor_obs                          0.20627 
_refine.ls_R_factor_all                          ? 
_refine.ls_R_factor_R_work                       0.20429 
_refine.ls_R_factor_R_free                       0.24716 
_refine.ls_R_factor_R_free_error                 ? 
_refine.ls_R_factor_R_free_error_details         ? 
_refine.ls_percent_reflns_R_free                 4.8 
_refine.ls_number_reflns_R_free                  522 
_refine.ls_number_parameters                     ? 
_refine.ls_number_restraints                     ? 
_refine.occupancy_min                            ? 
_refine.occupancy_max                            ? 
_refine.correlation_coeff_Fo_to_Fc               0.956 
_refine.correlation_coeff_Fo_to_Fc_free          0.932 
_refine.B_iso_mean                               23.614 
_refine.aniso_B[1][1]                            0.92 
_refine.aniso_B[2][2]                            0.92 
_refine.aniso_B[3][3]                            -1.38 
_refine.aniso_B[1][2]                            0.46 
_refine.aniso_B[1][3]                            0.00 
_refine.aniso_B[2][3]                            0.00 
_refine.solvent_model_details                    'BABINET MODEL WITH MASK' 
_refine.solvent_model_param_ksol                 ? 
_refine.solvent_model_param_bsol                 ? 
_refine.pdbx_solvent_vdw_probe_radii             1.40 
_refine.pdbx_solvent_ion_probe_radii             0.80 
_refine.pdbx_solvent_shrinkage_radii             0.80 
_refine.pdbx_ls_cross_valid_method               THROUGHOUT 
_refine.details                                  ? 
_refine.pdbx_starting_model                      ? 
_refine.pdbx_method_to_determine_struct          'MOLECULAR REPLACEMENT' 
_refine.pdbx_isotropic_thermal_model             ? 
_refine.pdbx_stereochemistry_target_values       'MAXIMUM LIKELIHOOD' 
_refine.pdbx_stereochem_target_val_spec_case     ? 
_refine.pdbx_R_Free_selection_details            RANDOM 
_refine.pdbx_overall_ESU_R                       0.087 
_refine.pdbx_overall_ESU_R_Free                  0.093 
_refine.overall_SU_ML                            0.064 
_refine.overall_SU_B                             3.968 
_refine.ls_redundancy_reflns_obs                 ? 
_refine.B_iso_min                                ? 
_refine.B_iso_max                                ? 
_refine.overall_SU_R_Cruickshank_DPI             ? 
_refine.overall_SU_R_free                        ? 
_refine.ls_wR_factor_R_free                      ? 
_refine.ls_wR_factor_R_work                      ? 
_refine.overall_FOM_free_R_set                   ? 
_refine.overall_FOM_work_R_set                   ? 
_refine.pdbx_overall_phase_error                 ? 
_refine.pdbx_refine_id                           'X-RAY DIFFRACTION' 
_refine.pdbx_TLS_residual_ADP_flag               'LIKELY RESIDUAL' 
_refine.pdbx_diffrn_id                           1 
_refine.pdbx_overall_SU_R_free_Cruickshank_DPI   ? 
_refine.pdbx_overall_SU_R_Blow_DPI               ? 
_refine.pdbx_overall_SU_R_free_Blow_DPI          ? 
# 
_refine_hist.pdbx_refine_id                   'X-RAY DIFFRACTION' 
_refine_hist.cycle_id                         LAST 
_refine_hist.pdbx_number_atoms_protein        498 
_refine_hist.pdbx_number_atoms_nucleic_acid   0 
_refine_hist.pdbx_number_atoms_ligand         0 
_refine_hist.number_atoms_solvent             58 
_refine_hist.number_atoms_total               556 
_refine_hist.d_res_high                       1.60 
_refine_hist.d_res_low                        48.06 
# 
loop_
_refine_ls_restr.type 
_refine_ls_restr.dev_ideal 
_refine_ls_restr.dev_ideal_target 
_refine_ls_restr.weight 
_refine_ls_restr.number 
_refine_ls_restr.pdbx_refine_id 
_refine_ls_restr.pdbx_restraint_function 
r_bond_refined_d             0.031  0.022  ? 510 'X-RAY DIFFRACTION' ? 
r_bond_other_d               ?      ?      ? ?   'X-RAY DIFFRACTION' ? 
r_angle_refined_deg          2.405  1.946  ? 692 'X-RAY DIFFRACTION' ? 
r_angle_other_deg            ?      ?      ? ?   'X-RAY DIFFRACTION' ? 
r_dihedral_angle_1_deg       6.871  5.000  ? 61  'X-RAY DIFFRACTION' ? 
r_dihedral_angle_2_deg       35.942 23.750 ? 24  'X-RAY DIFFRACTION' ? 
r_dihedral_angle_3_deg       16.991 15.000 ? 90  'X-RAY DIFFRACTION' ? 
r_dihedral_angle_4_deg       24.537 15.000 ? 4   'X-RAY DIFFRACTION' ? 
r_chiral_restr               0.195  0.200  ? 77  'X-RAY DIFFRACTION' ? 
r_gen_planes_refined         0.014  0.021  ? 384 'X-RAY DIFFRACTION' ? 
r_gen_planes_other           ?      ?      ? ?   'X-RAY DIFFRACTION' ? 
r_nbd_refined                ?      ?      ? ?   'X-RAY DIFFRACTION' ? 
r_nbd_other                  ?      ?      ? ?   'X-RAY DIFFRACTION' ? 
r_nbtor_refined              ?      ?      ? ?   'X-RAY DIFFRACTION' ? 
r_nbtor_other                ?      ?      ? ?   'X-RAY DIFFRACTION' ? 
r_xyhbond_nbd_refined        ?      ?      ? ?   'X-RAY DIFFRACTION' ? 
r_xyhbond_nbd_other          ?      ?      ? ?   'X-RAY DIFFRACTION' ? 
r_metal_ion_refined          ?      ?      ? ?   'X-RAY DIFFRACTION' ? 
r_metal_ion_other            ?      ?      ? ?   'X-RAY DIFFRACTION' ? 
r_symmetry_vdw_refined       ?      ?      ? ?   'X-RAY DIFFRACTION' ? 
r_symmetry_vdw_other         ?      ?      ? ?   'X-RAY DIFFRACTION' ? 
r_symmetry_hbond_refined     ?      ?      ? ?   'X-RAY DIFFRACTION' ? 
r_symmetry_hbond_other       ?      ?      ? ?   'X-RAY DIFFRACTION' ? 
r_symmetry_metal_ion_refined ?      ?      ? ?   'X-RAY DIFFRACTION' ? 
r_symmetry_metal_ion_other   ?      ?      ? ?   'X-RAY DIFFRACTION' ? 
r_mcbond_it                  1.770  1.500  ? 312 'X-RAY DIFFRACTION' ? 
r_mcbond_other               ?      ?      ? ?   'X-RAY DIFFRACTION' ? 
r_mcangle_it                 2.981  2.000  ? 503 'X-RAY DIFFRACTION' ? 
r_scbond_it                  3.868  3.000  ? 198 'X-RAY DIFFRACTION' ? 
r_scangle_it                 6.188  4.500  ? 189 'X-RAY DIFFRACTION' ? 
r_rigid_bond_restr           ?      ?      ? ?   'X-RAY DIFFRACTION' ? 
r_sphericity_free            ?      ?      ? ?   'X-RAY DIFFRACTION' ? 
r_sphericity_bonded          ?      ?      ? ?   'X-RAY DIFFRACTION' ? 
# 
_refine_ls_shell.pdbx_total_number_of_bins_used   20 
_refine_ls_shell.d_res_high                       1.60 
_refine_ls_shell.d_res_low                        1.643 
_refine_ls_shell.number_reflns_R_work             759 
_refine_ls_shell.R_factor_R_work                  0.232 
_refine_ls_shell.percent_reflns_obs               99.75 
_refine_ls_shell.R_factor_R_free                  0.272 
_refine_ls_shell.R_factor_R_free_error            ? 
_refine_ls_shell.percent_reflns_R_free            ? 
_refine_ls_shell.number_reflns_R_free             35 
_refine_ls_shell.number_reflns_all                ? 
_refine_ls_shell.R_factor_all                     ? 
_refine_ls_shell.number_reflns_obs                ? 
_refine_ls_shell.redundancy_reflns_obs            ? 
_refine_ls_shell.pdbx_refine_id                   'X-RAY DIFFRACTION' 
# 
_struct.entry_id                  3GV3 
_struct.title                     'CXCL12 (SDF) in trigonal space group' 
_struct.pdbx_model_details        ? 
_struct.pdbx_CASP_flag            ? 
_struct.pdbx_model_type_details   ? 
# 
_struct_keywords.entry_id        3GV3 
_struct_keywords.pdbx_keywords   CYTOKINE 
_struct_keywords.text            'SDF, CXCL12, chemokine, Disulfide bond, CYTOKINE' 
# 
loop_
_struct_asym.id 
_struct_asym.pdbx_blank_PDB_chainid_flag 
_struct_asym.pdbx_modified 
_struct_asym.entity_id 
_struct_asym.details 
A N N 1 ? 
B N N 2 ? 
# 
_struct_ref.id                         1 
_struct_ref.db_name                    UNP 
_struct_ref.db_code                    Q6ICW0_HUMAN 
_struct_ref.pdbx_db_accession          Q6ICW0 
_struct_ref.entity_id                  1 
_struct_ref.pdbx_seq_one_letter_code   LSYRCPCRFFESHVARANVKHLKILNTPNCALQIVARLKNNNRQVCIDPKLKWIQEYLEKALN 
_struct_ref.pdbx_align_begin           26 
_struct_ref.pdbx_db_isoform            ? 
# 
_struct_ref_seq.align_id                      1 
_struct_ref_seq.ref_id                        1 
_struct_ref_seq.pdbx_PDB_id_code              3GV3 
_struct_ref_seq.pdbx_strand_id                A 
_struct_ref_seq.seq_align_beg                 1 
_struct_ref_seq.pdbx_seq_align_beg_ins_code   ? 
_struct_ref_seq.seq_align_end                 63 
_struct_ref_seq.pdbx_seq_align_end_ins_code   ? 
_struct_ref_seq.pdbx_db_accession             Q6ICW0 
_struct_ref_seq.db_align_beg                  26 
_struct_ref_seq.pdbx_db_align_beg_ins_code    ? 
_struct_ref_seq.db_align_end                  88 
_struct_ref_seq.pdbx_db_align_end_ins_code    ? 
_struct_ref_seq.pdbx_auth_seq_align_beg       5 
_struct_ref_seq.pdbx_auth_seq_align_end       67 
# 
_struct_ref_seq_dif.align_id                     1 
_struct_ref_seq_dif.pdbx_pdb_id_code             3GV3 
_struct_ref_seq_dif.mon_id                       ILE 
_struct_ref_seq_dif.pdbx_pdb_strand_id           A 
_struct_ref_seq_dif.seq_num                      14 
_struct_ref_seq_dif.pdbx_pdb_ins_code            ? 
_struct_ref_seq_dif.pdbx_seq_db_name             UNP 
_struct_ref_seq_dif.pdbx_seq_db_accession_code   Q6ICW0 
_struct_ref_seq_dif.db_mon_id                    VAL 
_struct_ref_seq_dif.pdbx_seq_db_seq_num          39 
_struct_ref_seq_dif.details                      'engineered mutation' 
_struct_ref_seq_dif.pdbx_auth_seq_num            18 
_struct_ref_seq_dif.pdbx_ordinal                 1 
# 
_pdbx_struct_assembly.id                   1 
_pdbx_struct_assembly.details              author_and_software_defined_assembly 
_pdbx_struct_assembly.method_details       PISA 
_pdbx_struct_assembly.oligomeric_details   dimeric 
_pdbx_struct_assembly.oligomeric_count     2 
# 
loop_
_pdbx_struct_assembly_prop.biol_id 
_pdbx_struct_assembly_prop.type 
_pdbx_struct_assembly_prop.value 
_pdbx_struct_assembly_prop.details 
1 'ABSA (A^2)' 1690 ? 
1 MORE         -8   ? 
1 'SSA (A^2)'  8040 ? 
# 
_pdbx_struct_assembly_gen.assembly_id       1 
_pdbx_struct_assembly_gen.oper_expression   1,2 
_pdbx_struct_assembly_gen.asym_id_list      A,B 
# 
loop_
_pdbx_struct_oper_list.id 
_pdbx_struct_oper_list.type 
_pdbx_struct_oper_list.name 
_pdbx_struct_oper_list.symmetry_operation 
_pdbx_struct_oper_list.matrix[1][1] 
_pdbx_struct_oper_list.matrix[1][2] 
_pdbx_struct_oper_list.matrix[1][3] 
_pdbx_struct_oper_list.vector[1] 
_pdbx_struct_oper_list.matrix[2][1] 
_pdbx_struct_oper_list.matrix[2][2] 
_pdbx_struct_oper_list.matrix[2][3] 
_pdbx_struct_oper_list.vector[2] 
_pdbx_struct_oper_list.matrix[3][1] 
_pdbx_struct_oper_list.matrix[3][2] 
_pdbx_struct_oper_list.matrix[3][3] 
_pdbx_struct_oper_list.vector[3] 
1 'identity operation'         1_555 x,y,z          1.0000000000  0.0000000000 0.0000000000 0.0000000000 0.0000000000 1.0000000000  0.0000000000 0.0000000000   0.0000000000 0.0000000000 1.0000000000 0.0000000000 
2 'crystal symmetry operation' 6_554 -x,-x+y,-z-1/3 -0.9727170230 0.1506390562 0.1764354498 4.8089366325 0.1506390562 -0.1682679916 0.9741631063 -11.4283013412 0.1764354498 0.9741631063 0.1409850146 9.0137578539 
# 
_struct_biol.id        1 
_struct_biol.details   ? 
# 
loop_
_struct_conf.conf_type_id 
_struct_conf.id 
_struct_conf.pdbx_PDB_helix_id 
_struct_conf.beg_label_comp_id 
_struct_conf.beg_label_asym_id 
_struct_conf.beg_label_seq_id 
_struct_conf.pdbx_beg_PDB_ins_code 
_struct_conf.end_label_comp_id 
_struct_conf.end_label_asym_id 
_struct_conf.end_label_seq_id 
_struct_conf.pdbx_end_PDB_ins_code 
_struct_conf.beg_auth_comp_id 
_struct_conf.beg_auth_asym_id 
_struct_conf.beg_auth_seq_id 
_struct_conf.end_auth_comp_id 
_struct_conf.end_auth_asym_id 
_struct_conf.end_auth_seq_id 
_struct_conf.pdbx_PDB_helix_class 
_struct_conf.details 
_struct_conf.pdbx_PDB_helix_length 
HELX_P HELX_P1 1 ALA A 15 ? ALA A 17 ? ALA A 19 ALA A 21 5 ? 3  
HELX_P HELX_P2 2 TRP A 53 ? LEU A 62 ? TRP A 57 LEU A 66 1 ? 10 
# 
_struct_conf_type.id          HELX_P 
_struct_conf_type.criteria    ? 
_struct_conf_type.reference   ? 
# 
loop_
_struct_conn.id 
_struct_conn.conn_type_id 
_struct_conn.pdbx_leaving_atom_flag 
_struct_conn.pdbx_PDB_id 
_struct_conn.ptnr1_label_asym_id 
_struct_conn.ptnr1_label_comp_id 
_struct_conn.ptnr1_label_seq_id 
_struct_conn.ptnr1_label_atom_id 
_struct_conn.pdbx_ptnr1_label_alt_id 
_struct_conn.pdbx_ptnr1_PDB_ins_code 
_struct_conn.pdbx_ptnr1_standard_comp_id 
_struct_conn.ptnr1_symmetry 
_struct_conn.ptnr2_label_asym_id 
_struct_conn.ptnr2_label_comp_id 
_struct_conn.ptnr2_label_seq_id 
_struct_conn.ptnr2_label_atom_id 
_struct_conn.pdbx_ptnr2_label_alt_id 
_struct_conn.pdbx_ptnr2_PDB_ins_code 
_struct_conn.ptnr1_auth_asym_id 
_struct_conn.ptnr1_auth_comp_id 
_struct_conn.ptnr1_auth_seq_id 
_struct_conn.ptnr2_auth_asym_id 
_struct_conn.ptnr2_auth_comp_id 
_struct_conn.ptnr2_auth_seq_id 
_struct_conn.ptnr2_symmetry 
_struct_conn.pdbx_ptnr3_label_atom_id 
_struct_conn.pdbx_ptnr3_label_seq_id 
_struct_conn.pdbx_ptnr3_label_comp_id 
_struct_conn.pdbx_ptnr3_label_asym_id 
_struct_conn.pdbx_ptnr3_label_alt_id 
_struct_conn.pdbx_ptnr3_PDB_ins_code 
_struct_conn.details 
_struct_conn.pdbx_dist_value 
_struct_conn.pdbx_value_order 
_struct_conn.pdbx_role 
disulf1 disulf ? ? A CYS 5 SG ? ? ? 1_555 A CYS 30 SG ? ? A CYS 9  A CYS 34 1_555 ? ? ? ? ? ? ? 2.120 ? ? 
disulf2 disulf ? ? A CYS 7 SG ? ? ? 1_555 A CYS 46 SG ? ? A CYS 11 A CYS 50 1_555 ? ? ? ? ? ? ? 2.142 ? ? 
# 
_struct_conn_type.id          disulf 
_struct_conn_type.criteria    ? 
_struct_conn_type.reference   ? 
# 
loop_
_pdbx_modification_feature.ordinal 
_pdbx_modification_feature.label_comp_id 
_pdbx_modification_feature.label_asym_id 
_pdbx_modification_feature.label_seq_id 
_pdbx_modification_feature.label_alt_id 
_pdbx_modification_feature.modified_residue_label_comp_id 
_pdbx_modification_feature.modified_residue_label_asym_id 
_pdbx_modification_feature.modified_residue_label_seq_id 
_pdbx_modification_feature.modified_residue_label_alt_id 
_pdbx_modification_feature.auth_comp_id 
_pdbx_modification_feature.auth_asym_id 
_pdbx_modification_feature.auth_seq_id 
_pdbx_modification_feature.PDB_ins_code 
_pdbx_modification_feature.symmetry 
_pdbx_modification_feature.modified_residue_auth_comp_id 
_pdbx_modification_feature.modified_residue_auth_asym_id 
_pdbx_modification_feature.modified_residue_auth_seq_id 
_pdbx_modification_feature.modified_residue_PDB_ins_code 
_pdbx_modification_feature.modified_residue_symmetry 
_pdbx_modification_feature.comp_id_linking_atom 
_pdbx_modification_feature.modified_residue_id_linking_atom 
_pdbx_modification_feature.modified_residue_id 
_pdbx_modification_feature.ref_pcm_id 
_pdbx_modification_feature.ref_comp_id 
_pdbx_modification_feature.type 
_pdbx_modification_feature.category 
1 CYS A 5 ? CYS A 30 ? CYS A 9  ? 1_555 CYS A 34 ? 1_555 SG SG . . . None 'Disulfide bridge' 
2 CYS A 7 ? CYS A 46 ? CYS A 11 ? 1_555 CYS A 50 ? 1_555 SG SG . . . None 'Disulfide bridge' 
# 
_struct_sheet.id               A 
_struct_sheet.type             ? 
_struct_sheet.number_strands   3 
_struct_sheet.details          ? 
# 
loop_
_struct_sheet_order.sheet_id 
_struct_sheet_order.range_id_1 
_struct_sheet_order.range_id_2 
_struct_sheet_order.offset 
_struct_sheet_order.sense 
A 1 2 ? anti-parallel 
A 2 3 ? anti-parallel 
# 
loop_
_struct_sheet_range.sheet_id 
_struct_sheet_range.id 
_struct_sheet_range.beg_label_comp_id 
_struct_sheet_range.beg_label_asym_id 
_struct_sheet_range.beg_label_seq_id 
_struct_sheet_range.pdbx_beg_PDB_ins_code 
_struct_sheet_range.end_label_comp_id 
_struct_sheet_range.end_label_asym_id 
_struct_sheet_range.end_label_seq_id 
_struct_sheet_range.pdbx_end_PDB_ins_code 
_struct_sheet_range.beg_auth_comp_id 
_struct_sheet_range.beg_auth_asym_id 
_struct_sheet_range.beg_auth_seq_id 
_struct_sheet_range.end_auth_comp_id 
_struct_sheet_range.end_auth_asym_id 
_struct_sheet_range.end_auth_seq_id 
A 1 VAL A 19 ? ILE A 24 ? VAL A 23 ILE A 28 
A 2 ILE A 34 ? LEU A 38 ? ILE A 38 LEU A 42 
A 3 GLN A 44 ? CYS A 46 ? GLN A 48 CYS A 50 
# 
loop_
_pdbx_struct_sheet_hbond.sheet_id 
_pdbx_struct_sheet_hbond.range_id_1 
_pdbx_struct_sheet_hbond.range_id_2 
_pdbx_struct_sheet_hbond.range_1_label_atom_id 
_pdbx_struct_sheet_hbond.range_1_label_comp_id 
_pdbx_struct_sheet_hbond.range_1_label_asym_id 
_pdbx_struct_sheet_hbond.range_1_label_seq_id 
_pdbx_struct_sheet_hbond.range_1_PDB_ins_code 
_pdbx_struct_sheet_hbond.range_1_auth_atom_id 
_pdbx_struct_sheet_hbond.range_1_auth_comp_id 
_pdbx_struct_sheet_hbond.range_1_auth_asym_id 
_pdbx_struct_sheet_hbond.range_1_auth_seq_id 
_pdbx_struct_sheet_hbond.range_2_label_atom_id 
_pdbx_struct_sheet_hbond.range_2_label_comp_id 
_pdbx_struct_sheet_hbond.range_2_label_asym_id 
_pdbx_struct_sheet_hbond.range_2_label_seq_id 
_pdbx_struct_sheet_hbond.range_2_PDB_ins_code 
_pdbx_struct_sheet_hbond.range_2_auth_atom_id 
_pdbx_struct_sheet_hbond.range_2_auth_comp_id 
_pdbx_struct_sheet_hbond.range_2_auth_asym_id 
_pdbx_struct_sheet_hbond.range_2_auth_seq_id 
A 1 2 N LYS A 23 ? N LYS A 27 O VAL A 35 ? O VAL A 39 
A 2 3 N ALA A 36 ? N ALA A 40 O VAL A 45 ? O VAL A 49 
# 
_pdbx_entry_details.entry_id                   3GV3 
_pdbx_entry_details.compound_details           ? 
_pdbx_entry_details.source_details             ? 
_pdbx_entry_details.nonpolymer_details         ? 
_pdbx_entry_details.sequence_details           ? 
_pdbx_entry_details.has_ligand_of_interest     ? 
_pdbx_entry_details.has_protein_modification   Y 
# 
_pdbx_validate_torsion.id              1 
_pdbx_validate_torsion.PDB_model_num   1 
_pdbx_validate_torsion.auth_comp_id    ASN 
_pdbx_validate_torsion.auth_asym_id    A 
_pdbx_validate_torsion.auth_seq_id     45 
_pdbx_validate_torsion.PDB_ins_code    ? 
_pdbx_validate_torsion.label_alt_id    ? 
_pdbx_validate_torsion.phi             -151.68 
_pdbx_validate_torsion.psi             6.50 
# 
_pdbx_refine_tls.id               1 
_pdbx_refine_tls.details          ? 
_pdbx_refine_tls.method           refined 
_pdbx_refine_tls.origin_x         -0.4299 
_pdbx_refine_tls.origin_y         -0.0110 
_pdbx_refine_tls.origin_z         -0.0421 
_pdbx_refine_tls.T[1][1]          0.0134 
_pdbx_refine_tls.T[2][2]          0.0255 
_pdbx_refine_tls.T[3][3]          0.0080 
_pdbx_refine_tls.T[1][2]          0.0090 
_pdbx_refine_tls.T[1][3]          0.0023 
_pdbx_refine_tls.T[2][3]          0.0058 
_pdbx_refine_tls.L[1][1]          1.3798 
_pdbx_refine_tls.L[2][2]          1.8315 
_pdbx_refine_tls.L[3][3]          1.9282 
_pdbx_refine_tls.L[1][2]          0.3370 
_pdbx_refine_tls.L[1][3]          0.5015 
_pdbx_refine_tls.L[2][3]          -1.0174 
_pdbx_refine_tls.S[1][1]          -0.1054 
_pdbx_refine_tls.S[1][2]          0.0043 
_pdbx_refine_tls.S[1][3]          0.0081 
_pdbx_refine_tls.S[2][1]          0.0627 
_pdbx_refine_tls.S[2][2]          0.1435 
_pdbx_refine_tls.S[2][3]          0.0053 
_pdbx_refine_tls.S[3][1]          -0.1114 
_pdbx_refine_tls.S[3][2]          -0.2085 
_pdbx_refine_tls.S[3][3]          -0.0380 
_pdbx_refine_tls.pdbx_refine_id   'X-RAY DIFFRACTION' 
# 
_pdbx_refine_tls_group.id                  1 
_pdbx_refine_tls_group.refine_tls_id       1 
_pdbx_refine_tls_group.beg_auth_asym_id    A 
_pdbx_refine_tls_group.beg_auth_seq_id     5 
_pdbx_refine_tls_group.beg_label_asym_id   ? 
_pdbx_refine_tls_group.beg_label_seq_id    ? 
_pdbx_refine_tls_group.end_auth_asym_id    A 
_pdbx_refine_tls_group.end_auth_seq_id     67 
_pdbx_refine_tls_group.end_label_asym_id   ? 
_pdbx_refine_tls_group.end_label_seq_id    ? 
_pdbx_refine_tls_group.selection           ? 
_pdbx_refine_tls_group.selection_details   ? 
_pdbx_refine_tls_group.pdbx_refine_id      'X-RAY DIFFRACTION' 
# 
loop_
_chem_comp_atom.comp_id 
_chem_comp_atom.atom_id 
_chem_comp_atom.type_symbol 
_chem_comp_atom.pdbx_aromatic_flag 
_chem_comp_atom.pdbx_stereo_config 
_chem_comp_atom.pdbx_ordinal 
ALA N    N N N 1   
ALA CA   C N S 2   
ALA C    C N N 3   
ALA O    O N N 4   
ALA CB   C N N 5   
ALA OXT  O N N 6   
ALA H    H N N 7   
ALA H2   H N N 8   
ALA HA   H N N 9   
ALA HB1  H N N 10  
ALA HB2  H N N 11  
ALA HB3  H N N 12  
ALA HXT  H N N 13  
ARG N    N N N 14  
ARG CA   C N S 15  
ARG C    C N N 16  
ARG O    O N N 17  
ARG CB   C N N 18  
ARG CG   C N N 19  
ARG CD   C N N 20  
ARG NE   N N N 21  
ARG CZ   C N N 22  
ARG NH1  N N N 23  
ARG NH2  N N N 24  
ARG OXT  O N N 25  
ARG H    H N N 26  
ARG H2   H N N 27  
ARG HA   H N N 28  
ARG HB2  H N N 29  
ARG HB3  H N N 30  
ARG HG2  H N N 31  
ARG HG3  H N N 32  
ARG HD2  H N N 33  
ARG HD3  H N N 34  
ARG HE   H N N 35  
ARG HH11 H N N 36  
ARG HH12 H N N 37  
ARG HH21 H N N 38  
ARG HH22 H N N 39  
ARG HXT  H N N 40  
ASN N    N N N 41  
ASN CA   C N S 42  
ASN C    C N N 43  
ASN O    O N N 44  
ASN CB   C N N 45  
ASN CG   C N N 46  
ASN OD1  O N N 47  
ASN ND2  N N N 48  
ASN OXT  O N N 49  
ASN H    H N N 50  
ASN H2   H N N 51  
ASN HA   H N N 52  
ASN HB2  H N N 53  
ASN HB3  H N N 54  
ASN HD21 H N N 55  
ASN HD22 H N N 56  
ASN HXT  H N N 57  
ASP N    N N N 58  
ASP CA   C N S 59  
ASP C    C N N 60  
ASP O    O N N 61  
ASP CB   C N N 62  
ASP CG   C N N 63  
ASP OD1  O N N 64  
ASP OD2  O N N 65  
ASP OXT  O N N 66  
ASP H    H N N 67  
ASP H2   H N N 68  
ASP HA   H N N 69  
ASP HB2  H N N 70  
ASP HB3  H N N 71  
ASP HD2  H N N 72  
ASP HXT  H N N 73  
CYS N    N N N 74  
CYS CA   C N R 75  
CYS C    C N N 76  
CYS O    O N N 77  
CYS CB   C N N 78  
CYS SG   S N N 79  
CYS OXT  O N N 80  
CYS H    H N N 81  
CYS H2   H N N 82  
CYS HA   H N N 83  
CYS HB2  H N N 84  
CYS HB3  H N N 85  
CYS HG   H N N 86  
CYS HXT  H N N 87  
GLN N    N N N 88  
GLN CA   C N S 89  
GLN C    C N N 90  
GLN O    O N N 91  
GLN CB   C N N 92  
GLN CG   C N N 93  
GLN CD   C N N 94  
GLN OE1  O N N 95  
GLN NE2  N N N 96  
GLN OXT  O N N 97  
GLN H    H N N 98  
GLN H2   H N N 99  
GLN HA   H N N 100 
GLN HB2  H N N 101 
GLN HB3  H N N 102 
GLN HG2  H N N 103 
GLN HG3  H N N 104 
GLN HE21 H N N 105 
GLN HE22 H N N 106 
GLN HXT  H N N 107 
GLU N    N N N 108 
GLU CA   C N S 109 
GLU C    C N N 110 
GLU O    O N N 111 
GLU CB   C N N 112 
GLU CG   C N N 113 
GLU CD   C N N 114 
GLU OE1  O N N 115 
GLU OE2  O N N 116 
GLU OXT  O N N 117 
GLU H    H N N 118 
GLU H2   H N N 119 
GLU HA   H N N 120 
GLU HB2  H N N 121 
GLU HB3  H N N 122 
GLU HG2  H N N 123 
GLU HG3  H N N 124 
GLU HE2  H N N 125 
GLU HXT  H N N 126 
HIS N    N N N 127 
HIS CA   C N S 128 
HIS C    C N N 129 
HIS O    O N N 130 
HIS CB   C N N 131 
HIS CG   C Y N 132 
HIS ND1  N Y N 133 
HIS CD2  C Y N 134 
HIS CE1  C Y N 135 
HIS NE2  N Y N 136 
HIS OXT  O N N 137 
HIS H    H N N 138 
HIS H2   H N N 139 
HIS HA   H N N 140 
HIS HB2  H N N 141 
HIS HB3  H N N 142 
HIS HD1  H N N 143 
HIS HD2  H N N 144 
HIS HE1  H N N 145 
HIS HE2  H N N 146 
HIS HXT  H N N 147 
HOH O    O N N 148 
HOH H1   H N N 149 
HOH H2   H N N 150 
ILE N    N N N 151 
ILE CA   C N S 152 
ILE C    C N N 153 
ILE O    O N N 154 
ILE CB   C N S 155 
ILE CG1  C N N 156 
ILE CG2  C N N 157 
ILE CD1  C N N 158 
ILE OXT  O N N 159 
ILE H    H N N 160 
ILE H2   H N N 161 
ILE HA   H N N 162 
ILE HB   H N N 163 
ILE HG12 H N N 164 
ILE HG13 H N N 165 
ILE HG21 H N N 166 
ILE HG22 H N N 167 
ILE HG23 H N N 168 
ILE HD11 H N N 169 
ILE HD12 H N N 170 
ILE HD13 H N N 171 
ILE HXT  H N N 172 
LEU N    N N N 173 
LEU CA   C N S 174 
LEU C    C N N 175 
LEU O    O N N 176 
LEU CB   C N N 177 
LEU CG   C N N 178 
LEU CD1  C N N 179 
LEU CD2  C N N 180 
LEU OXT  O N N 181 
LEU H    H N N 182 
LEU H2   H N N 183 
LEU HA   H N N 184 
LEU HB2  H N N 185 
LEU HB3  H N N 186 
LEU HG   H N N 187 
LEU HD11 H N N 188 
LEU HD12 H N N 189 
LEU HD13 H N N 190 
LEU HD21 H N N 191 
LEU HD22 H N N 192 
LEU HD23 H N N 193 
LEU HXT  H N N 194 
LYS N    N N N 195 
LYS CA   C N S 196 
LYS C    C N N 197 
LYS O    O N N 198 
LYS CB   C N N 199 
LYS CG   C N N 200 
LYS CD   C N N 201 
LYS CE   C N N 202 
LYS NZ   N N N 203 
LYS OXT  O N N 204 
LYS H    H N N 205 
LYS H2   H N N 206 
LYS HA   H N N 207 
LYS HB2  H N N 208 
LYS HB3  H N N 209 
LYS HG2  H N N 210 
LYS HG3  H N N 211 
LYS HD2  H N N 212 
LYS HD3  H N N 213 
LYS HE2  H N N 214 
LYS HE3  H N N 215 
LYS HZ1  H N N 216 
LYS HZ2  H N N 217 
LYS HZ3  H N N 218 
LYS HXT  H N N 219 
PHE N    N N N 220 
PHE CA   C N S 221 
PHE C    C N N 222 
PHE O    O N N 223 
PHE CB   C N N 224 
PHE CG   C Y N 225 
PHE CD1  C Y N 226 
PHE CD2  C Y N 227 
PHE CE1  C Y N 228 
PHE CE2  C Y N 229 
PHE CZ   C Y N 230 
PHE OXT  O N N 231 
PHE H    H N N 232 
PHE H2   H N N 233 
PHE HA   H N N 234 
PHE HB2  H N N 235 
PHE HB3  H N N 236 
PHE HD1  H N N 237 
PHE HD2  H N N 238 
PHE HE1  H N N 239 
PHE HE2  H N N 240 
PHE HZ   H N N 241 
PHE HXT  H N N 242 
PRO N    N N N 243 
PRO CA   C N S 244 
PRO C    C N N 245 
PRO O    O N N 246 
PRO CB   C N N 247 
PRO CG   C N N 248 
PRO CD   C N N 249 
PRO OXT  O N N 250 
PRO H    H N N 251 
PRO HA   H N N 252 
PRO HB2  H N N 253 
PRO HB3  H N N 254 
PRO HG2  H N N 255 
PRO HG3  H N N 256 
PRO HD2  H N N 257 
PRO HD3  H N N 258 
PRO HXT  H N N 259 
SER N    N N N 260 
SER CA   C N S 261 
SER C    C N N 262 
SER O    O N N 263 
SER CB   C N N 264 
SER OG   O N N 265 
SER OXT  O N N 266 
SER H    H N N 267 
SER H2   H N N 268 
SER HA   H N N 269 
SER HB2  H N N 270 
SER HB3  H N N 271 
SER HG   H N N 272 
SER HXT  H N N 273 
THR N    N N N 274 
THR CA   C N S 275 
THR C    C N N 276 
THR O    O N N 277 
THR CB   C N R 278 
THR OG1  O N N 279 
THR CG2  C N N 280 
THR OXT  O N N 281 
THR H    H N N 282 
THR H2   H N N 283 
THR HA   H N N 284 
THR HB   H N N 285 
THR HG1  H N N 286 
THR HG21 H N N 287 
THR HG22 H N N 288 
THR HG23 H N N 289 
THR HXT  H N N 290 
TRP N    N N N 291 
TRP CA   C N S 292 
TRP C    C N N 293 
TRP O    O N N 294 
TRP CB   C N N 295 
TRP CG   C Y N 296 
TRP CD1  C Y N 297 
TRP CD2  C Y N 298 
TRP NE1  N Y N 299 
TRP CE2  C Y N 300 
TRP CE3  C Y N 301 
TRP CZ2  C Y N 302 
TRP CZ3  C Y N 303 
TRP CH2  C Y N 304 
TRP OXT  O N N 305 
TRP H    H N N 306 
TRP H2   H N N 307 
TRP HA   H N N 308 
TRP HB2  H N N 309 
TRP HB3  H N N 310 
TRP HD1  H N N 311 
TRP HE1  H N N 312 
TRP HE3  H N N 313 
TRP HZ2  H N N 314 
TRP HZ3  H N N 315 
TRP HH2  H N N 316 
TRP HXT  H N N 317 
TYR N    N N N 318 
TYR CA   C N S 319 
TYR C    C N N 320 
TYR O    O N N 321 
TYR CB   C N N 322 
TYR CG   C Y N 323 
TYR CD1  C Y N 324 
TYR CD2  C Y N 325 
TYR CE1  C Y N 326 
TYR CE2  C Y N 327 
TYR CZ   C Y N 328 
TYR OH   O N N 329 
TYR OXT  O N N 330 
TYR H    H N N 331 
TYR H2   H N N 332 
TYR HA   H N N 333 
TYR HB2  H N N 334 
TYR HB3  H N N 335 
TYR HD1  H N N 336 
TYR HD2  H N N 337 
TYR HE1  H N N 338 
TYR HE2  H N N 339 
TYR HH   H N N 340 
TYR HXT  H N N 341 
VAL N    N N N 342 
VAL CA   C N S 343 
VAL C    C N N 344 
VAL O    O N N 345 
VAL CB   C N N 346 
VAL CG1  C N N 347 
VAL CG2  C N N 348 
VAL OXT  O N N 349 
VAL H    H N N 350 
VAL H2   H N N 351 
VAL HA   H N N 352 
VAL HB   H N N 353 
VAL HG11 H N N 354 
VAL HG12 H N N 355 
VAL HG13 H N N 356 
VAL HG21 H N N 357 
VAL HG22 H N N 358 
VAL HG23 H N N 359 
VAL HXT  H N N 360 
# 
loop_
_chem_comp_bond.comp_id 
_chem_comp_bond.atom_id_1 
_chem_comp_bond.atom_id_2 
_chem_comp_bond.value_order 
_chem_comp_bond.pdbx_aromatic_flag 
_chem_comp_bond.pdbx_stereo_config 
_chem_comp_bond.pdbx_ordinal 
ALA N   CA   sing N N 1   
ALA N   H    sing N N 2   
ALA N   H2   sing N N 3   
ALA CA  C    sing N N 4   
ALA CA  CB   sing N N 5   
ALA CA  HA   sing N N 6   
ALA C   O    doub N N 7   
ALA C   OXT  sing N N 8   
ALA CB  HB1  sing N N 9   
ALA CB  HB2  sing N N 10  
ALA CB  HB3  sing N N 11  
ALA OXT HXT  sing N N 12  
ARG N   CA   sing N N 13  
ARG N   H    sing N N 14  
ARG N   H2   sing N N 15  
ARG CA  C    sing N N 16  
ARG CA  CB   sing N N 17  
ARG CA  HA   sing N N 18  
ARG C   O    doub N N 19  
ARG C   OXT  sing N N 20  
ARG CB  CG   sing N N 21  
ARG CB  HB2  sing N N 22  
ARG CB  HB3  sing N N 23  
ARG CG  CD   sing N N 24  
ARG CG  HG2  sing N N 25  
ARG CG  HG3  sing N N 26  
ARG CD  NE   sing N N 27  
ARG CD  HD2  sing N N 28  
ARG CD  HD3  sing N N 29  
ARG NE  CZ   sing N N 30  
ARG NE  HE   sing N N 31  
ARG CZ  NH1  sing N N 32  
ARG CZ  NH2  doub N N 33  
ARG NH1 HH11 sing N N 34  
ARG NH1 HH12 sing N N 35  
ARG NH2 HH21 sing N N 36  
ARG NH2 HH22 sing N N 37  
ARG OXT HXT  sing N N 38  
ASN N   CA   sing N N 39  
ASN N   H    sing N N 40  
ASN N   H2   sing N N 41  
ASN CA  C    sing N N 42  
ASN CA  CB   sing N N 43  
ASN CA  HA   sing N N 44  
ASN C   O    doub N N 45  
ASN C   OXT  sing N N 46  
ASN CB  CG   sing N N 47  
ASN CB  HB2  sing N N 48  
ASN CB  HB3  sing N N 49  
ASN CG  OD1  doub N N 50  
ASN CG  ND2  sing N N 51  
ASN ND2 HD21 sing N N 52  
ASN ND2 HD22 sing N N 53  
ASN OXT HXT  sing N N 54  
ASP N   CA   sing N N 55  
ASP N   H    sing N N 56  
ASP N   H2   sing N N 57  
ASP CA  C    sing N N 58  
ASP CA  CB   sing N N 59  
ASP CA  HA   sing N N 60  
ASP C   O    doub N N 61  
ASP C   OXT  sing N N 62  
ASP CB  CG   sing N N 63  
ASP CB  HB2  sing N N 64  
ASP CB  HB3  sing N N 65  
ASP CG  OD1  doub N N 66  
ASP CG  OD2  sing N N 67  
ASP OD2 HD2  sing N N 68  
ASP OXT HXT  sing N N 69  
CYS N   CA   sing N N 70  
CYS N   H    sing N N 71  
CYS N   H2   sing N N 72  
CYS CA  C    sing N N 73  
CYS CA  CB   sing N N 74  
CYS CA  HA   sing N N 75  
CYS C   O    doub N N 76  
CYS C   OXT  sing N N 77  
CYS CB  SG   sing N N 78  
CYS CB  HB2  sing N N 79  
CYS CB  HB3  sing N N 80  
CYS SG  HG   sing N N 81  
CYS OXT HXT  sing N N 82  
GLN N   CA   sing N N 83  
GLN N   H    sing N N 84  
GLN N   H2   sing N N 85  
GLN CA  C    sing N N 86  
GLN CA  CB   sing N N 87  
GLN CA  HA   sing N N 88  
GLN C   O    doub N N 89  
GLN C   OXT  sing N N 90  
GLN CB  CG   sing N N 91  
GLN CB  HB2  sing N N 92  
GLN CB  HB3  sing N N 93  
GLN CG  CD   sing N N 94  
GLN CG  HG2  sing N N 95  
GLN CG  HG3  sing N N 96  
GLN CD  OE1  doub N N 97  
GLN CD  NE2  sing N N 98  
GLN NE2 HE21 sing N N 99  
GLN NE2 HE22 sing N N 100 
GLN OXT HXT  sing N N 101 
GLU N   CA   sing N N 102 
GLU N   H    sing N N 103 
GLU N   H2   sing N N 104 
GLU CA  C    sing N N 105 
GLU CA  CB   sing N N 106 
GLU CA  HA   sing N N 107 
GLU C   O    doub N N 108 
GLU C   OXT  sing N N 109 
GLU CB  CG   sing N N 110 
GLU CB  HB2  sing N N 111 
GLU CB  HB3  sing N N 112 
GLU CG  CD   sing N N 113 
GLU CG  HG2  sing N N 114 
GLU CG  HG3  sing N N 115 
GLU CD  OE1  doub N N 116 
GLU CD  OE2  sing N N 117 
GLU OE2 HE2  sing N N 118 
GLU OXT HXT  sing N N 119 
HIS N   CA   sing N N 120 
HIS N   H    sing N N 121 
HIS N   H2   sing N N 122 
HIS CA  C    sing N N 123 
HIS CA  CB   sing N N 124 
HIS CA  HA   sing N N 125 
HIS C   O    doub N N 126 
HIS C   OXT  sing N N 127 
HIS CB  CG   sing N N 128 
HIS CB  HB2  sing N N 129 
HIS CB  HB3  sing N N 130 
HIS CG  ND1  sing Y N 131 
HIS CG  CD2  doub Y N 132 
HIS ND1 CE1  doub Y N 133 
HIS ND1 HD1  sing N N 134 
HIS CD2 NE2  sing Y N 135 
HIS CD2 HD2  sing N N 136 
HIS CE1 NE2  sing Y N 137 
HIS CE1 HE1  sing N N 138 
HIS NE2 HE2  sing N N 139 
HIS OXT HXT  sing N N 140 
HOH O   H1   sing N N 141 
HOH O   H2   sing N N 142 
ILE N   CA   sing N N 143 
ILE N   H    sing N N 144 
ILE N   H2   sing N N 145 
ILE CA  C    sing N N 146 
ILE CA  CB   sing N N 147 
ILE CA  HA   sing N N 148 
ILE C   O    doub N N 149 
ILE C   OXT  sing N N 150 
ILE CB  CG1  sing N N 151 
ILE CB  CG2  sing N N 152 
ILE CB  HB   sing N N 153 
ILE CG1 CD1  sing N N 154 
ILE CG1 HG12 sing N N 155 
ILE CG1 HG13 sing N N 156 
ILE CG2 HG21 sing N N 157 
ILE CG2 HG22 sing N N 158 
ILE CG2 HG23 sing N N 159 
ILE CD1 HD11 sing N N 160 
ILE CD1 HD12 sing N N 161 
ILE CD1 HD13 sing N N 162 
ILE OXT HXT  sing N N 163 
LEU N   CA   sing N N 164 
LEU N   H    sing N N 165 
LEU N   H2   sing N N 166 
LEU CA  C    sing N N 167 
LEU CA  CB   sing N N 168 
LEU CA  HA   sing N N 169 
LEU C   O    doub N N 170 
LEU C   OXT  sing N N 171 
LEU CB  CG   sing N N 172 
LEU CB  HB2  sing N N 173 
LEU CB  HB3  sing N N 174 
LEU CG  CD1  sing N N 175 
LEU CG  CD2  sing N N 176 
LEU CG  HG   sing N N 177 
LEU CD1 HD11 sing N N 178 
LEU CD1 HD12 sing N N 179 
LEU CD1 HD13 sing N N 180 
LEU CD2 HD21 sing N N 181 
LEU CD2 HD22 sing N N 182 
LEU CD2 HD23 sing N N 183 
LEU OXT HXT  sing N N 184 
LYS N   CA   sing N N 185 
LYS N   H    sing N N 186 
LYS N   H2   sing N N 187 
LYS CA  C    sing N N 188 
LYS CA  CB   sing N N 189 
LYS CA  HA   sing N N 190 
LYS C   O    doub N N 191 
LYS C   OXT  sing N N 192 
LYS CB  CG   sing N N 193 
LYS CB  HB2  sing N N 194 
LYS CB  HB3  sing N N 195 
LYS CG  CD   sing N N 196 
LYS CG  HG2  sing N N 197 
LYS CG  HG3  sing N N 198 
LYS CD  CE   sing N N 199 
LYS CD  HD2  sing N N 200 
LYS CD  HD3  sing N N 201 
LYS CE  NZ   sing N N 202 
LYS CE  HE2  sing N N 203 
LYS CE  HE3  sing N N 204 
LYS NZ  HZ1  sing N N 205 
LYS NZ  HZ2  sing N N 206 
LYS NZ  HZ3  sing N N 207 
LYS OXT HXT  sing N N 208 
PHE N   CA   sing N N 209 
PHE N   H    sing N N 210 
PHE N   H2   sing N N 211 
PHE CA  C    sing N N 212 
PHE CA  CB   sing N N 213 
PHE CA  HA   sing N N 214 
PHE C   O    doub N N 215 
PHE C   OXT  sing N N 216 
PHE CB  CG   sing N N 217 
PHE CB  HB2  sing N N 218 
PHE CB  HB3  sing N N 219 
PHE CG  CD1  doub Y N 220 
PHE CG  CD2  sing Y N 221 
PHE CD1 CE1  sing Y N 222 
PHE CD1 HD1  sing N N 223 
PHE CD2 CE2  doub Y N 224 
PHE CD2 HD2  sing N N 225 
PHE CE1 CZ   doub Y N 226 
PHE CE1 HE1  sing N N 227 
PHE CE2 CZ   sing Y N 228 
PHE CE2 HE2  sing N N 229 
PHE CZ  HZ   sing N N 230 
PHE OXT HXT  sing N N 231 
PRO N   CA   sing N N 232 
PRO N   CD   sing N N 233 
PRO N   H    sing N N 234 
PRO CA  C    sing N N 235 
PRO CA  CB   sing N N 236 
PRO CA  HA   sing N N 237 
PRO C   O    doub N N 238 
PRO C   OXT  sing N N 239 
PRO CB  CG   sing N N 240 
PRO CB  HB2  sing N N 241 
PRO CB  HB3  sing N N 242 
PRO CG  CD   sing N N 243 
PRO CG  HG2  sing N N 244 
PRO CG  HG3  sing N N 245 
PRO CD  HD2  sing N N 246 
PRO CD  HD3  sing N N 247 
PRO OXT HXT  sing N N 248 
SER N   CA   sing N N 249 
SER N   H    sing N N 250 
SER N   H2   sing N N 251 
SER CA  C    sing N N 252 
SER CA  CB   sing N N 253 
SER CA  HA   sing N N 254 
SER C   O    doub N N 255 
SER C   OXT  sing N N 256 
SER CB  OG   sing N N 257 
SER CB  HB2  sing N N 258 
SER CB  HB3  sing N N 259 
SER OG  HG   sing N N 260 
SER OXT HXT  sing N N 261 
THR N   CA   sing N N 262 
THR N   H    sing N N 263 
THR N   H2   sing N N 264 
THR CA  C    sing N N 265 
THR CA  CB   sing N N 266 
THR CA  HA   sing N N 267 
THR C   O    doub N N 268 
THR C   OXT  sing N N 269 
THR CB  OG1  sing N N 270 
THR CB  CG2  sing N N 271 
THR CB  HB   sing N N 272 
THR OG1 HG1  sing N N 273 
THR CG2 HG21 sing N N 274 
THR CG2 HG22 sing N N 275 
THR CG2 HG23 sing N N 276 
THR OXT HXT  sing N N 277 
TRP N   CA   sing N N 278 
TRP N   H    sing N N 279 
TRP N   H2   sing N N 280 
TRP CA  C    sing N N 281 
TRP CA  CB   sing N N 282 
TRP CA  HA   sing N N 283 
TRP C   O    doub N N 284 
TRP C   OXT  sing N N 285 
TRP CB  CG   sing N N 286 
TRP CB  HB2  sing N N 287 
TRP CB  HB3  sing N N 288 
TRP CG  CD1  doub Y N 289 
TRP CG  CD2  sing Y N 290 
TRP CD1 NE1  sing Y N 291 
TRP CD1 HD1  sing N N 292 
TRP CD2 CE2  doub Y N 293 
TRP CD2 CE3  sing Y N 294 
TRP NE1 CE2  sing Y N 295 
TRP NE1 HE1  sing N N 296 
TRP CE2 CZ2  sing Y N 297 
TRP CE3 CZ3  doub Y N 298 
TRP CE3 HE3  sing N N 299 
TRP CZ2 CH2  doub Y N 300 
TRP CZ2 HZ2  sing N N 301 
TRP CZ3 CH2  sing Y N 302 
TRP CZ3 HZ3  sing N N 303 
TRP CH2 HH2  sing N N 304 
TRP OXT HXT  sing N N 305 
TYR N   CA   sing N N 306 
TYR N   H    sing N N 307 
TYR N   H2   sing N N 308 
TYR CA  C    sing N N 309 
TYR CA  CB   sing N N 310 
TYR CA  HA   sing N N 311 
TYR C   O    doub N N 312 
TYR C   OXT  sing N N 313 
TYR CB  CG   sing N N 314 
TYR CB  HB2  sing N N 315 
TYR CB  HB3  sing N N 316 
TYR CG  CD1  doub Y N 317 
TYR CG  CD2  sing Y N 318 
TYR CD1 CE1  sing Y N 319 
TYR CD1 HD1  sing N N 320 
TYR CD2 CE2  doub Y N 321 
TYR CD2 HD2  sing N N 322 
TYR CE1 CZ   doub Y N 323 
TYR CE1 HE1  sing N N 324 
TYR CE2 CZ   sing Y N 325 
TYR CE2 HE2  sing N N 326 
TYR CZ  OH   sing N N 327 
TYR OH  HH   sing N N 328 
TYR OXT HXT  sing N N 329 
VAL N   CA   sing N N 330 
VAL N   H    sing N N 331 
VAL N   H2   sing N N 332 
VAL CA  C    sing N N 333 
VAL CA  CB   sing N N 334 
VAL CA  HA   sing N N 335 
VAL C   O    doub N N 336 
VAL C   OXT  sing N N 337 
VAL CB  CG1  sing N N 338 
VAL CB  CG2  sing N N 339 
VAL CB  HB   sing N N 340 
VAL CG1 HG11 sing N N 341 
VAL CG1 HG12 sing N N 342 
VAL CG1 HG13 sing N N 343 
VAL CG2 HG21 sing N N 344 
VAL CG2 HG22 sing N N 345 
VAL CG2 HG23 sing N N 346 
VAL OXT HXT  sing N N 347 
# 
_atom_sites.entry_id                    3GV3 
_atom_sites.fract_transf_matrix[1][1]   -0.00663001 
_atom_sites.fract_transf_matrix[1][2]   -0.01447716 
_atom_sites.fract_transf_matrix[1][3]   0.01338566 
_atom_sites.fract_transf_matrix[2][1]   -0.00541911 
_atom_sites.fract_transf_matrix[2][2]   -0.01885608 
_atom_sites.fract_transf_matrix[2][3]   -0.00691409 
_atom_sites.fract_transf_matrix[3][1]   0.02046518 
_atom_sites.fract_transf_matrix[3][2]   -0.00687281 
_atom_sites.fract_transf_matrix[3][3]   0.00270332 
_atom_sites.fract_transf_vector[1]      -0.127110 
_atom_sites.fract_transf_vector[2]      0.377283 
_atom_sites.fract_transf_vector[3]      -0.267333 
# 
loop_
_atom_type.symbol 
C 
N 
O 
S 
# 
loop_
_atom_site.group_PDB 
_atom_site.id 
_atom_site.type_symbol 
_atom_site.label_atom_id 
_atom_site.label_alt_id 
_atom_site.label_comp_id 
_atom_site.label_asym_id 
_atom_site.label_entity_id 
_atom_site.label_seq_id 
_atom_site.pdbx_PDB_ins_code 
_atom_site.Cartn_x 
_atom_site.Cartn_y 
_atom_site.Cartn_z 
_atom_site.occupancy 
_atom_site.B_iso_or_equiv 
_atom_site.pdbx_formal_charge 
_atom_site.auth_seq_id 
_atom_site.auth_comp_id 
_atom_site.auth_asym_id 
_atom_site.auth_atom_id 
_atom_site.pdbx_PDB_model_num 
ATOM   1   N N   . LEU A 1 1  ? 13.587  -0.303  -17.637 1.00 43.12 ? 5   LEU A N   1 
ATOM   2   C CA  . LEU A 1 1  ? 13.959  -1.749  -17.478 1.00 42.73 ? 5   LEU A CA  1 
ATOM   3   C C   . LEU A 1 1  ? 13.332  -2.399  -16.246 1.00 41.53 ? 5   LEU A C   1 
ATOM   4   O O   . LEU A 1 1  ? 12.301  -1.926  -15.739 1.00 43.21 ? 5   LEU A O   1 
ATOM   5   N N   . SER A 1 2  ? 13.943  -3.494  -15.784 1.00 39.70 ? 6   SER A N   1 
ATOM   6   C CA  . SER A 1 2  ? 13.680  -4.033  -14.450 1.00 37.68 ? 6   SER A CA  1 
ATOM   7   C C   . SER A 1 2  ? 14.136  -3.134  -13.259 1.00 35.10 ? 6   SER A C   1 
ATOM   8   O O   . SER A 1 2  ? 13.971  -3.506  -12.091 1.00 36.42 ? 6   SER A O   1 
ATOM   9   C CB  . SER A 1 2  ? 14.059  -5.509  -14.388 1.00 38.36 ? 6   SER A CB  1 
ATOM   10  N N   . TYR A 1 3  ? 14.717  -1.975  -13.548 1.00 32.63 ? 7   TYR A N   1 
ATOM   11  C CA  . TYR A 1 3  ? 15.304  -1.161  -12.465 1.00 29.46 ? 7   TYR A CA  1 
ATOM   12  C C   . TYR A 1 3  ? 14.388  -0.118  -11.939 1.00 27.77 ? 7   TYR A C   1 
ATOM   13  O O   . TYR A 1 3  ? 14.769  0.616   -11.069 1.00 24.37 ? 7   TYR A O   1 
ATOM   14  C CB  . TYR A 1 3  ? 16.656  -0.524  -12.818 1.00 31.43 ? 7   TYR A CB  1 
ATOM   15  C CG  . TYR A 1 3  ? 17.714  -1.574  -12.943 1.00 32.44 ? 7   TYR A CG  1 
ATOM   16  C CD1 . TYR A 1 3  ? 18.073  -2.057  -14.197 1.00 38.74 ? 7   TYR A CD1 1 
ATOM   17  C CD2 . TYR A 1 3  ? 18.271  -2.177  -11.810 1.00 31.85 ? 7   TYR A CD2 1 
ATOM   18  C CE1 . TYR A 1 3  ? 18.996  -3.078  -14.305 1.00 41.01 ? 7   TYR A CE1 1 
ATOM   19  C CE2 . TYR A 1 3  ? 19.180  -3.183  -11.910 1.00 39.97 ? 7   TYR A CE2 1 
ATOM   20  C CZ  . TYR A 1 3  ? 19.537  -3.630  -13.147 1.00 41.21 ? 7   TYR A CZ  1 
ATOM   21  O OH  . TYR A 1 3  ? 20.456  -4.628  -13.257 1.00 43.91 ? 7   TYR A OH  1 
ATOM   22  N N   . ARG A 1 4  ? 13.190  -0.010  -12.473 1.00 24.11 ? 8   ARG A N   1 
ATOM   23  C CA  . ARG A 1 4  ? 12.298  1.012   -11.962 1.00 23.56 ? 8   ARG A CA  1 
ATOM   24  C C   . ARG A 1 4  ? 11.682  0.585   -10.647 1.00 22.11 ? 8   ARG A C   1 
ATOM   25  O O   . ARG A 1 4  ? 11.290  -0.578  -10.422 1.00 22.13 ? 8   ARG A O   1 
ATOM   26  C CB  . ARG A 1 4  ? 11.202  1.399   -12.982 1.00 24.69 ? 8   ARG A CB  1 
ATOM   27  C CG  . ARG A 1 4  ? 11.765  1.839   -14.375 1.00 28.22 ? 8   ARG A CG  1 
ATOM   28  C CD  . ARG A 1 4  ? 11.561  3.297   -14.757 1.00 35.28 ? 8   ARG A CD  1 
ATOM   29  N N   . CYS A 1 5  ? 11.608  1.547   -9.732  1.00 18.60 ? 9   CYS A N   1 
ATOM   30  C CA  . CYS A 1 5  ? 10.890  1.290   -8.483  1.00 18.05 ? 9   CYS A CA  1 
ATOM   31  C C   . CYS A 1 5  ? 9.468   0.799   -8.794  1.00 17.74 ? 9   CYS A C   1 
ATOM   32  O O   . CYS A 1 5  ? 8.850   1.332   -9.731  1.00 21.51 ? 9   CYS A O   1 
ATOM   33  C CB  . CYS A 1 5  ? 10.818  2.608   -7.718  1.00 17.28 ? 9   CYS A CB  1 
ATOM   34  S SG  . CYS A 1 5  ? 12.374  2.942   -6.803  1.00 18.97 ? 9   CYS A SG  1 
ATOM   35  N N   . PRO A 1 6  ? 8.978   -0.170  -8.020  1.00 18.96 ? 10  PRO A N   1 
ATOM   36  C CA  . PRO A 1 6  ? 7.659   -0.803  -8.375  1.00 21.64 ? 10  PRO A CA  1 
ATOM   37  C C   . PRO A 1 6  ? 6.461   0.104   -8.266  1.00 22.37 ? 10  PRO A C   1 
ATOM   38  O O   . PRO A 1 6  ? 5.527   -0.082  -9.046  1.00 25.86 ? 10  PRO A O   1 
ATOM   39  C CB  . PRO A 1 6  ? 7.547   -1.978  -7.409  1.00 22.99 ? 10  PRO A CB  1 
ATOM   40  C CG  . PRO A 1 6  ? 8.580   -1.824  -6.422  1.00 24.77 ? 10  PRO A CG  1 
ATOM   41  C CD  . PRO A 1 6  ? 9.618   -0.856  -6.871  1.00 20.29 ? 10  PRO A CD  1 
ATOM   42  N N   . CYS A 1 7  ? 6.455   1.081   -7.401  1.00 20.07 ? 11  CYS A N   1 
ATOM   43  C CA  . CYS A 1 7  ? 5.328   2.043   -7.257  1.00 20.61 ? 11  CYS A CA  1 
ATOM   44  C C   . CYS A 1 7  ? 5.607   3.412   -7.915  1.00 19.72 ? 11  CYS A C   1 
ATOM   45  O O   . CYS A 1 7  ? 6.452   4.200   -7.422  1.00 21.84 ? 11  CYS A O   1 
ATOM   46  C CB  . CYS A 1 7  ? 5.050   2.228   -5.744  1.00 20.83 ? 11  CYS A CB  1 
ATOM   47  S SG  . CYS A 1 7  ? 4.178   0.813   -5.025  1.00 24.78 ? 11  CYS A SG  1 
ATOM   48  N N   . ARG A 1 8  ? 4.977   3.672   -9.096  1.00 21.81 ? 12  ARG A N   1 
ATOM   49  C CA  . ARG A 1 8  ? 4.992   4.942   -9.864  1.00 23.24 ? 12  ARG A CA  1 
ATOM   50  C C   . ARG A 1 8  ? 3.981   5.922   -9.395  1.00 19.78 ? 12  ARG A C   1 
ATOM   51  O O   . ARG A 1 8  ? 4.210   7.122   -9.367  1.00 24.80 ? 12  ARG A O   1 
ATOM   52  C CB  . ARG A 1 8  ? 4.804   4.648   -11.361 1.00 25.34 ? 12  ARG A CB  1 
ATOM   53  C CG  . ARG A 1 8  ? 5.550   5.498   -12.344 1.00 31.72 ? 12  ARG A CG  1 
ATOM   54  C CD  . ARG A 1 8  ? 5.803   6.909   -11.903 1.00 31.11 ? 12  ARG A CD  1 
ATOM   55  N NE  . ARG A 1 8  ? 5.378   7.829   -12.942 1.00 31.58 ? 12  ARG A NE  1 
ATOM   56  C CZ  . ARG A 1 8  ? 4.948   9.028   -12.654 1.00 32.39 ? 12  ARG A CZ  1 
ATOM   57  N NH1 . ARG A 1 8  ? 4.592   9.847   -13.636 1.00 37.57 ? 12  ARG A NH1 1 
ATOM   58  N NH2 . ARG A 1 8  ? 4.893   9.407   -11.370 1.00 33.79 ? 12  ARG A NH2 1 
ATOM   59  N N   . PHE A 1 9  ? 2.788   5.363   -9.058  1.00 18.72 ? 13  PHE A N   1 
ATOM   60  C CA  . PHE A 1 9  ? 1.625   6.155   -8.707  1.00 18.40 ? 13  PHE A CA  1 
ATOM   61  C C   . PHE A 1 9  ? 0.988   5.489   -7.511  1.00 16.88 ? 13  PHE A C   1 
ATOM   62  O O   . PHE A 1 9  ? 1.196   4.305   -7.244  1.00 18.50 ? 13  PHE A O   1 
ATOM   63  C CB  . PHE A 1 9  ? 0.512   6.144   -9.807  1.00 19.23 ? 13  PHE A CB  1 
ATOM   64  C CG  . PHE A 1 9  ? 0.877   6.795   -11.071 1.00 22.24 ? 13  PHE A CG  1 
ATOM   65  C CD1 . PHE A 1 9  ? 1.152   8.146   -11.121 1.00 22.36 ? 13  PHE A CD1 1 
ATOM   66  C CD2 . PHE A 1 9  ? 0.982   6.019   -12.181 1.00 24.54 ? 13  PHE A CD2 1 
ATOM   67  C CE1 . PHE A 1 9  ? 1.484   8.747   -12.325 1.00 24.64 ? 13  PHE A CE1 1 
ATOM   68  C CE2 . PHE A 1 9  ? 1.348   6.606   -13.418 1.00 24.96 ? 13  PHE A CE2 1 
ATOM   69  C CZ  . PHE A 1 9  ? 1.575   7.952   -13.457 1.00 24.44 ? 13  PHE A CZ  1 
ATOM   70  N N   . PHE A 1 10 ? 0.221   6.285   -6.802  1.00 15.87 ? 14  PHE A N   1 
ATOM   71  C CA  . PHE A 1 10 ? -0.541  5.689   -5.684  1.00 15.34 ? 14  PHE A CA  1 
ATOM   72  C C   . PHE A 1 10 ? -1.970  6.167   -5.577  1.00 16.04 ? 14  PHE A C   1 
ATOM   73  O O   . PHE A 1 10 ? -2.370  7.237   -6.209  1.00 17.21 ? 14  PHE A O   1 
ATOM   74  C CB  . PHE A 1 10 ? 0.183   5.987   -4.343  1.00 17.07 ? 14  PHE A CB  1 
ATOM   75  C CG  . PHE A 1 10 ? 0.351   7.445   -4.040  1.00 20.59 ? 14  PHE A CG  1 
ATOM   76  C CD1 . PHE A 1 10 ? 1.573   8.030   -4.227  1.00 27.82 ? 14  PHE A CD1 1 
ATOM   77  C CD2 . PHE A 1 10 ? -0.681  8.216   -3.598  1.00 17.32 ? 14  PHE A CD2 1 
ATOM   78  C CE1 . PHE A 1 10 ? 1.751   9.380   -3.909  1.00 32.08 ? 14  PHE A CE1 1 
ATOM   79  C CE2 . PHE A 1 10 ? -0.512  9.556   -3.286  1.00 23.11 ? 14  PHE A CE2 1 
ATOM   80  C CZ  . PHE A 1 10 ? 0.683   10.143  -3.454  1.00 28.84 ? 14  PHE A CZ  1 
ATOM   81  N N   . GLU A 1 11 ? -2.754  5.402   -4.868  1.00 15.33 ? 15  GLU A N   1 
ATOM   82  C CA  . GLU A 1 11 ? -4.182  5.687   -4.610  1.00 15.94 ? 15  GLU A CA  1 
ATOM   83  C C   . GLU A 1 11 ? -4.295  6.364   -3.226  1.00 18.25 ? 15  GLU A C   1 
ATOM   84  O O   . GLU A 1 11 ? -3.641  6.018   -2.256  1.00 19.40 ? 15  GLU A O   1 
ATOM   85  C CB  . GLU A 1 11 ? -4.919  4.349   -4.520  1.00 16.48 ? 15  GLU A CB  1 
ATOM   86  C CG  . GLU A 1 11 ? -5.058  3.648   -5.873  1.00 14.82 ? 15  GLU A CG  1 
ATOM   87  C CD  . GLU A 1 11 ? -5.976  4.339   -6.782  1.00 18.60 ? 15  GLU A CD  1 
ATOM   88  O OE1 . GLU A 1 11 ? -6.085  3.878   -7.944  1.00 19.24 ? 15  GLU A OE1 1 
ATOM   89  O OE2 . GLU A 1 11 ? -6.635  5.327   -6.382  1.00 22.88 ? 15  GLU A OE2 1 
ATOM   90  N N   . SER A 1 12 ? -5.180  7.316   -3.132  1.00 18.97 ? 16  SER A N   1 
ATOM   91  C CA  . SER A 1 12 ? -5.347  8.021   -1.869  1.00 18.86 ? 16  SER A CA  1 
ATOM   92  C C   . SER A 1 12 ? -6.652  7.846   -1.207  1.00 19.08 ? 16  SER A C   1 
ATOM   93  O O   . SER A 1 12 ? -6.911  8.538   -0.167  1.00 21.07 ? 16  SER A O   1 
ATOM   94  C CB  . SER A 1 12 ? -5.145  9.484   -2.136  1.00 18.16 ? 16  SER A CB  1 
ATOM   95  O OG  . SER A 1 12 ? -3.814  9.832   -2.523  1.00 21.75 ? 16  SER A OG  1 
ATOM   96  N N   . HIS A 1 13 ? -7.571  7.104   -1.795  1.00 17.76 ? 17  HIS A N   1 
ATOM   97  C CA  . HIS A 1 13 ? -8.920  6.982   -1.249  1.00 19.03 ? 17  HIS A CA  1 
ATOM   98  C C   . HIS A 1 13 ? -9.418  5.575   -0.912  1.00 21.93 ? 17  HIS A C   1 
ATOM   99  O O   . HIS A 1 13 ? -10.601 5.351   -0.786  1.00 25.13 ? 17  HIS A O   1 
ATOM   100 C CB  . HIS A 1 13 ? -9.951  7.806   -2.068  1.00 19.75 ? 17  HIS A CB  1 
ATOM   101 C CG  . HIS A 1 13 ? -9.576  9.237   -2.137  1.00 21.05 ? 17  HIS A CG  1 
ATOM   102 N ND1 . HIS A 1 13 ? -8.610  9.694   -2.987  1.00 21.39 ? 17  HIS A ND1 1 
ATOM   103 C CD2 . HIS A 1 13 ? -9.950  10.301  -1.388  1.00 22.88 ? 17  HIS A CD2 1 
ATOM   104 C CE1 . HIS A 1 13 ? -8.424  10.993  -2.793  1.00 22.00 ? 17  HIS A CE1 1 
ATOM   105 N NE2 . HIS A 1 13 ? -9.212  11.374  -1.809  1.00 23.46 ? 17  HIS A NE2 1 
ATOM   106 N N   . ILE A 1 14 ? -8.494  4.622   -0.736  1.00 20.50 ? 18  ILE A N   1 
ATOM   107 C CA  . ILE A 1 14 ? -8.886  3.215   -0.442  1.00 19.88 ? 18  ILE A CA  1 
ATOM   108 C C   . ILE A 1 14 ? -9.477  3.038   0.952   1.00 21.46 ? 18  ILE A C   1 
ATOM   109 O O   . ILE A 1 14 ? -8.981  3.583   1.894   1.00 23.18 ? 18  ILE A O   1 
ATOM   110 C CB  . ILE A 1 14 ? -7.641  2.356   -0.596  1.00 20.57 ? 18  ILE A CB  1 
ATOM   111 C CG1 . ILE A 1 14 ? -7.077  2.499   -2.036  1.00 20.77 ? 18  ILE A CG1 1 
ATOM   112 C CG2 . ILE A 1 14 ? -7.907  0.910   -0.337  1.00 20.47 ? 18  ILE A CG2 1 
ATOM   113 C CD1 . ILE A 1 14 ? -7.909  1.873   -3.097  1.00 20.08 ? 18  ILE A CD1 1 
ATOM   114 N N   . ALA A 1 15 ? -10.541 2.269   1.027   1.00 23.09 ? 19  ALA A N   1 
ATOM   115 C CA  . ALA A 1 15 ? -11.187 2.044   2.310   1.00 23.20 ? 19  ALA A CA  1 
ATOM   116 C C   . ALA A 1 15 ? -10.500 0.833   2.960   1.00 23.45 ? 19  ALA A C   1 
ATOM   117 O O   . ALA A 1 15 ? -10.298 -0.160  2.259   1.00 23.90 ? 19  ALA A O   1 
ATOM   118 C CB  . ALA A 1 15 ? -12.599 1.736   2.057   1.00 25.45 ? 19  ALA A CB  1 
ATOM   119 N N   . ARG A 1 16 ? -10.269 0.908   4.247   1.00 23.39 ? 20  ARG A N   1 
ATOM   120 C CA  . ARG A 1 16 ? -9.815  -0.215  5.013   1.00 22.13 ? 20  ARG A CA  1 
ATOM   121 C C   . ARG A 1 16 ? -10.670 -1.402  4.816   1.00 21.81 ? 20  ARG A C   1 
ATOM   122 O O   . ARG A 1 16 ? -10.149 -2.474  4.686   1.00 22.35 ? 20  ARG A O   1 
ATOM   123 C CB  . ARG A 1 16 ? -9.725  0.124   6.468   1.00 24.74 ? 20  ARG A CB  1 
ATOM   124 C CG  . ARG A 1 16 ? -9.322  -1.008  7.297   1.00 25.91 ? 20  ARG A CG  1 
ATOM   125 C CD  . ARG A 1 16 ? -8.712  -0.539  8.502   1.00 33.96 ? 20  ARG A CD  1 
ATOM   126 N NE  . ARG A 1 16 ? -9.682  -0.086  9.465   1.00 44.39 ? 20  ARG A NE  1 
ATOM   127 C CZ  . ARG A 1 16 ? -10.760 -0.762  9.780   1.00 45.98 ? 20  ARG A CZ  1 
ATOM   128 N NH1 . ARG A 1 16 ? -10.991 -1.902  9.170   1.00 48.00 ? 20  ARG A NH1 1 
ATOM   129 N NH2 . ARG A 1 16 ? -11.600 -0.299  10.683  1.00 46.43 ? 20  ARG A NH2 1 
ATOM   130 N N   . ALA A 1 17 ? -11.989 -1.231  4.778   1.00 20.31 ? 21  ALA A N   1 
ATOM   131 C CA  . ALA A 1 17 ? -12.863 -2.381  4.567   1.00 21.76 ? 21  ALA A CA  1 
ATOM   132 C C   . ALA A 1 17 ? -12.661 -3.105  3.275   1.00 21.89 ? 21  ALA A C   1 
ATOM   133 O O   . ALA A 1 17 ? -13.041 -4.319  3.162   1.00 25.59 ? 21  ALA A O   1 
ATOM   134 C CB  . ALA A 1 17 ? -14.338 -2.052  4.829   1.00 22.85 ? 21  ALA A CB  1 
ATOM   135 N N   . ASN A 1 18 ? -11.971 -2.423  2.348   1.00 21.26 ? 22  ASN A N   1 
ATOM   136 C CA  . ASN A 1 18 ? -11.764 -2.998  1.020   1.00 19.54 ? 22  ASN A CA  1 
ATOM   137 C C   . ASN A 1 18 ? -10.325 -3.534  0.812   1.00 19.47 ? 22  ASN A C   1 
ATOM   138 O O   . ASN A 1 18 ? -9.951  -3.844  -0.320  1.00 20.90 ? 22  ASN A O   1 
ATOM   139 C CB  . ASN A 1 18 ? -12.099 -2.028  -0.122  1.00 20.14 ? 22  ASN A CB  1 
ATOM   140 C CG  . ASN A 1 18 ? -12.192 -2.732  -1.485  1.00 19.46 ? 22  ASN A CG  1 
ATOM   141 O OD1 . ASN A 1 18 ? -12.680 -3.900  -1.611  1.00 24.83 ? 22  ASN A OD1 1 
ATOM   142 N ND2 . ASN A 1 18 ? -11.817 -1.994  -2.532  1.00 23.03 ? 22  ASN A ND2 1 
ATOM   143 N N   . VAL A 1 19 ? -9.586  -3.641  1.913   1.00 19.12 ? 23  VAL A N   1 
ATOM   144 C CA  . VAL A 1 19 ? -8.230  -4.140  1.877   1.00 17.86 ? 23  VAL A CA  1 
ATOM   145 C C   . VAL A 1 19 ? -8.178  -5.579  2.430   1.00 17.09 ? 23  VAL A C   1 
ATOM   146 O O   . VAL A 1 19 ? -8.534  -5.837  3.579   1.00 18.79 ? 23  VAL A O   1 
ATOM   147 C CB  . VAL A 1 19 ? -7.332  -3.176  2.688   1.00 19.67 ? 23  VAL A CB  1 
ATOM   148 C CG1 . VAL A 1 19 ? -5.985  -3.734  2.931   1.00 25.75 ? 23  VAL A CG1 1 
ATOM   149 C CG2 . VAL A 1 19 ? -7.210  -1.885  1.888   1.00 21.97 ? 23  VAL A CG2 1 
ATOM   150 N N   . LYS A 1 20 ? -7.629  -6.508  1.653   1.00 17.31 ? 24  LYS A N   1 
ATOM   151 C CA  . LYS A 1 20 ? -7.376  -7.856  2.140   1.00 17.16 ? 24  LYS A CA  1 
ATOM   152 C C   . LYS A 1 20 ? -6.113  -7.831  2.994   1.00 15.76 ? 24  LYS A C   1 
ATOM   153 O O   . LYS A 1 20 ? -6.012  -8.558  4.046   1.00 16.98 ? 24  LYS A O   1 
ATOM   154 C CB  . LYS A 1 20 ? -7.114  -8.811  1.021   1.00 18.47 ? 24  LYS A CB  1 
ATOM   155 C CG  . LYS A 1 20 ? -8.229  -8.965  0.087   1.00 24.09 ? 24  LYS A CG  1 
ATOM   156 C CD  . LYS A 1 20 ? -7.939  -10.142 -0.857  1.00 29.51 ? 24  LYS A CD  1 
ATOM   157 C CE  . LYS A 1 20 ? -9.160  -10.375 -1.809  1.00 36.57 ? 24  LYS A CE  1 
ATOM   158 N NZ  . LYS A 1 20 ? -8.986  -11.599 -2.633  1.00 39.12 ? 24  LYS A NZ  1 
ATOM   159 N N   . HIS A 1 21 ? -5.089  -7.061  2.589   1.00 15.38 ? 25  HIS A N   1 
ATOM   160 C CA  . HIS A 1 21 ? -3.913  -6.917  3.387   1.00 14.20 ? 25  HIS A CA  1 
ATOM   161 C C   . HIS A 1 21 ? -3.132  -5.718  2.836   1.00 16.14 ? 25  HIS A C   1 
ATOM   162 O O   . HIS A 1 21 ? -3.395  -5.226  1.722   1.00 16.61 ? 25  HIS A O   1 
ATOM   163 C CB  . HIS A 1 21 ? -3.015  -8.190  3.297   1.00 15.51 ? 25  HIS A CB  1 
ATOM   164 C CG  . HIS A 1 21 ? -2.593  -8.555  1.896   1.00 17.28 ? 25  HIS A CG  1 
ATOM   165 N ND1 . HIS A 1 21 ? -3.091  -9.662  1.237   1.00 23.05 ? 25  HIS A ND1 1 
ATOM   166 C CD2 . HIS A 1 21 ? -1.692  -7.974  1.067   1.00 21.55 ? 25  HIS A CD2 1 
ATOM   167 C CE1 . HIS A 1 21 ? -2.482  -9.762  0.059   1.00 22.15 ? 25  HIS A CE1 1 
ATOM   168 N NE2 . HIS A 1 21 ? -1.638  -8.762  -0.073  1.00 23.64 ? 25  HIS A NE2 1 
ATOM   169 N N   . LEU A 1 22 ? -2.200  -5.209  3.646   1.00 15.52 ? 26  LEU A N   1 
ATOM   170 C CA  . LEU A 1 22 ? -1.176  -4.226  3.174   1.00 17.04 ? 26  LEU A CA  1 
ATOM   171 C C   . LEU A 1 22 ? 0.115   -4.963  3.031   1.00 17.44 ? 26  LEU A C   1 
ATOM   172 O O   . LEU A 1 22 ? 0.457   -5.794  3.868   1.00 19.07 ? 26  LEU A O   1 
ATOM   173 C CB  . LEU A 1 22 ? -0.993  -3.057  4.125   1.00 14.98 ? 26  LEU A CB  1 
ATOM   174 C CG  . LEU A 1 22 ? -2.155  -2.098  4.348   1.00 18.14 ? 26  LEU A CG  1 
ATOM   175 C CD1 . LEU A 1 22 ? -1.752  -0.946  5.276   1.00 20.53 ? 26  LEU A CD1 1 
ATOM   176 C CD2 . LEU A 1 22 ? -2.690  -1.594  2.996   1.00 20.49 ? 26  LEU A CD2 1 
ATOM   177 N N   . LYS A 1 23 ? 0.870   -4.713  1.982   1.00 15.40 ? 27  LYS A N   1 
ATOM   178 C CA  . LYS A 1 23 ? 2.205   -5.239  1.803   1.00 16.35 ? 27  LYS A CA  1 
ATOM   179 C C   . LYS A 1 23 ? 3.139   -4.062  1.951   1.00 16.20 ? 27  LYS A C   1 
ATOM   180 O O   . LYS A 1 23 ? 2.956   -2.986  1.353   1.00 17.58 ? 27  LYS A O   1 
ATOM   181 C CB  . LYS A 1 23 ? 2.324   -5.888  0.422   1.00 20.24 ? 27  LYS A CB  1 
ATOM   182 C CG  . LYS A 1 23 ? 3.617   -6.293  -0.027  1.00 25.75 ? 27  LYS A CG  1 
ATOM   183 C CD  . LYS A 1 23 ? 3.453   -7.352  -1.135  1.00 27.85 ? 27  LYS A CD  1 
ATOM   184 C CE  . LYS A 1 23 ? 2.594   -7.008  -2.276  1.00 35.71 ? 27  LYS A CE  1 
ATOM   185 N NZ  . LYS A 1 23 ? 2.804   -8.177  -3.255  1.00 36.17 ? 27  LYS A NZ  1 
ATOM   186 N N   . ILE A 1 24 ? 4.147   -4.190  2.779   1.00 14.87 ? 28  ILE A N   1 
ATOM   187 C CA  . ILE A 1 24 ? 5.127   -3.073  2.939   1.00 16.31 ? 28  ILE A CA  1 
ATOM   188 C C   . ILE A 1 24 ? 6.398   -3.640  2.369   1.00 16.49 ? 28  ILE A C   1 
ATOM   189 O O   . ILE A 1 24 ? 7.052   -4.552  2.918   1.00 15.44 ? 28  ILE A O   1 
ATOM   190 C CB  . ILE A 1 24 ? 5.334   -2.741  4.421   1.00 17.50 ? 28  ILE A CB  1 
ATOM   191 C CG1 . ILE A 1 24 ? 3.928   -2.642  5.173   1.00 23.45 ? 28  ILE A CG1 1 
ATOM   192 C CG2 . ILE A 1 24 ? 6.285   -1.634  4.585   1.00 20.23 ? 28  ILE A CG2 1 
ATOM   193 C CD1 . ILE A 1 24 ? 3.168   -1.597  4.702   1.00 26.61 ? 28  ILE A CD1 1 
ATOM   194 N N   . LEU A 1 25 ? 6.769   -3.136  1.196   1.00 14.40 ? 29  LEU A N   1 
ATOM   195 C CA  . LEU A 1 25 ? 7.911   -3.623  0.473   1.00 13.89 ? 29  LEU A CA  1 
ATOM   196 C C   . LEU A 1 25 ? 9.230   -3.161  1.045   1.00 14.91 ? 29  LEU A C   1 
ATOM   197 O O   . LEU A 1 25 ? 9.401   -2.037  1.540   1.00 17.98 ? 29  LEU A O   1 
ATOM   198 C CB  . LEU A 1 25 ? 7.830   -3.002  -0.956  1.00 16.89 ? 29  LEU A CB  1 
ATOM   199 C CG  . LEU A 1 25 ? 6.570   -3.266  -1.775  1.00 18.52 ? 29  LEU A CG  1 
ATOM   200 C CD1 . LEU A 1 25 ? 6.731   -2.670  -3.190  1.00 22.40 ? 29  LEU A CD1 1 
ATOM   201 C CD2 . LEU A 1 25 ? 6.215   -4.729  -1.829  1.00 18.77 ? 29  LEU A CD2 1 
ATOM   202 N N   . ASN A 1 26 ? 10.191  -4.122  1.017   1.00 15.57 ? 30  ASN A N   1 
ATOM   203 C CA  . ASN A 1 26 ? 11.528  -3.829  1.559   1.00 15.37 ? 30  ASN A CA  1 
ATOM   204 C C   . ASN A 1 26 ? 12.400  -3.221  0.465   1.00 16.75 ? 30  ASN A C   1 
ATOM   205 O O   . ASN A 1 26 ? 13.302  -3.847  -0.100  1.00 18.77 ? 30  ASN A O   1 
ATOM   206 C CB  . ASN A 1 26 ? 12.162  -5.102  2.158   1.00 15.50 ? 30  ASN A CB  1 
ATOM   207 C CG  . ASN A 1 26 ? 13.412  -4.776  2.926   1.00 16.64 ? 30  ASN A CG  1 
ATOM   208 O OD1 . ASN A 1 26 ? 13.785  -3.582  3.163   1.00 18.55 ? 30  ASN A OD1 1 
ATOM   209 N ND2 . ASN A 1 26 ? 14.152  -5.859  3.349   1.00 17.83 ? 30  ASN A ND2 1 
ATOM   210 N N   . THR A 1 27 ? 12.018  -1.952  0.196   1.00 18.38 ? 31  THR A N   1 
ATOM   211 C CA  . THR A 1 27 ? 12.612  -1.271  -0.978  1.00 18.64 ? 31  THR A CA  1 
ATOM   212 C C   . THR A 1 27 ? 13.124  0.088   -0.496  1.00 20.25 ? 31  THR A C   1 
ATOM   213 O O   . THR A 1 27 ? 12.467  1.143   -0.690  1.00 22.80 ? 31  THR A O   1 
ATOM   214 C CB  . THR A 1 27 ? 11.647  -1.147  -2.198  1.00 18.58 ? 31  THR A CB  1 
ATOM   215 O OG1 . THR A 1 27 ? 10.451  -0.445  -1.792  1.00 22.38 ? 31  THR A OG1 1 
ATOM   216 C CG2 . THR A 1 27 ? 11.318  -2.493  -2.787  1.00 20.35 ? 31  THR A CG2 1 
ATOM   217 N N   . PRO A 1 28 ? 14.251  0.066   0.173   1.00 20.72 ? 32  PRO A N   1 
ATOM   218 C CA  . PRO A 1 28 ? 14.755  1.361   0.648   1.00 21.55 ? 32  PRO A CA  1 
ATOM   219 C C   . PRO A 1 28 ? 15.126  2.325   -0.449  1.00 19.76 ? 32  PRO A C   1 
ATOM   220 O O   . PRO A 1 28 ? 15.333  3.513   -0.231  1.00 22.78 ? 32  PRO A O   1 
ATOM   221 C CB  . PRO A 1 28 ? 15.913  0.964   1.526   1.00 22.64 ? 32  PRO A CB  1 
ATOM   222 C CG  . PRO A 1 28 ? 16.334  -0.411  1.053   1.00 24.06 ? 32  PRO A CG  1 
ATOM   223 C CD  . PRO A 1 28 ? 15.055  -1.062  0.688   1.00 20.19 ? 32  PRO A CD  1 
ATOM   224 N N   . ASN A 1 29 ? 15.328  1.832   -1.666  1.00 17.32 ? 33  ASN A N   1 
ATOM   225 C CA  . ASN A 1 29 ? 15.769  2.734   -2.718  1.00 16.36 ? 33  ASN A CA  1 
ATOM   226 C C   . ASN A 1 29 ? 14.606  3.612   -3.154  1.00 14.79 ? 33  ASN A C   1 
ATOM   227 O O   . ASN A 1 29 ? 14.816  4.455   -3.980  1.00 15.45 ? 33  ASN A O   1 
ATOM   228 C CB  . ASN A 1 29 ? 16.242  1.925   -3.961  1.00 17.65 ? 33  ASN A CB  1 
ATOM   229 C CG  . ASN A 1 29 ? 17.408  0.976   -3.674  1.00 18.02 ? 33  ASN A CG  1 
ATOM   230 O OD1 . ASN A 1 29 ? 18.279  1.223   -2.852  1.00 23.36 ? 33  ASN A OD1 1 
ATOM   231 N ND2 . ASN A 1 29 ? 17.457  -0.037  -4.433  1.00 17.91 ? 33  ASN A ND2 1 
ATOM   232 N N   . CYS A 1 30 ? 13.355  3.283   -2.705  1.00 13.82 ? 34  CYS A N   1 
ATOM   233 C CA  . CYS A 1 30 ? 12.157  3.789   -3.372  1.00 13.54 ? 34  CYS A CA  1 
ATOM   234 C C   . CYS A 1 30 ? 11.332  4.672   -2.458  1.00 15.01 ? 34  CYS A C   1 
ATOM   235 O O   . CYS A 1 30 ? 11.357  4.487   -1.263  1.00 19.31 ? 34  CYS A O   1 
ATOM   236 C CB  . CYS A 1 30 ? 11.306  2.645   -3.828  1.00 15.57 ? 34  CYS A CB  1 
ATOM   237 S SG  . CYS A 1 30 ? 12.281  1.648   -5.126  1.00 18.55 ? 34  CYS A SG  1 
ATOM   238 N N   . ALA A 1 31 ? 10.608  5.620   -3.047  1.00 16.06 ? 35  ALA A N   1 
ATOM   239 C CA  . ALA A 1 31 ? 9.847   6.514   -2.164  1.00 19.55 ? 35  ALA A CA  1 
ATOM   240 C C   . ALA A 1 31 ? 8.543   5.906   -1.686  1.00 17.87 ? 35  ALA A C   1 
ATOM   241 O O   . ALA A 1 31 ? 8.096   6.323   -0.556  1.00 24.64 ? 35  ALA A O   1 
ATOM   242 C CB  . ALA A 1 31 ? 9.532   7.745   -2.826  1.00 20.96 ? 35  ALA A CB  1 
ATOM   243 N N   . LEU A 1 32 ? 7.981   4.998   -2.419  1.00 14.86 ? 36  LEU A N   1 
ATOM   244 C CA  . LEU A 1 32 ? 6.625   4.504   -2.076  1.00 17.18 ? 36  LEU A CA  1 
ATOM   245 C C   . LEU A 1 32 ? 6.757   2.999   -1.847  1.00 18.70 ? 36  LEU A C   1 
ATOM   246 O O   . LEU A 1 32 ? 7.067   2.224   -2.796  1.00 21.75 ? 36  LEU A O   1 
ATOM   247 C CB  . LEU A 1 32 ? 5.645   4.740   -3.204  1.00 19.08 ? 36  LEU A CB  1 
ATOM   248 C CG  . LEU A 1 32 ? 5.383   6.214   -3.487  1.00 19.66 ? 36  LEU A CG  1 
ATOM   249 C CD1 . LEU A 1 32 ? 4.733   6.292   -4.797  1.00 20.59 ? 36  LEU A CD1 1 
ATOM   250 C CD2 . LEU A 1 32 ? 4.546   6.860   -2.421  1.00 23.59 ? 36  LEU A CD2 1 
ATOM   251 N N   . GLN A 1 33 ? 6.465   2.579   -0.626  1.00 16.58 ? 37  GLN A N   1 
ATOM   252 C CA  . GLN A 1 33 ? 6.652   1.202   -0.197  1.00 15.91 ? 37  GLN A CA  1 
ATOM   253 C C   . GLN A 1 33 ? 5.357   0.456   0.186   1.00 15.51 ? 37  GLN A C   1 
ATOM   254 O O   . GLN A 1 33 ? 5.413   -0.738  0.499   1.00 19.45 ? 37  GLN A O   1 
ATOM   255 C CB  . GLN A 1 33 ? 7.544   1.186   1.042   1.00 17.69 ? 37  GLN A CB  1 
ATOM   256 C CG  . GLN A 1 33 ? 8.954   1.517   0.858   1.00 24.54 ? 37  GLN A CG  1 
ATOM   257 C CD  . GLN A 1 33 ? 9.576   1.479   2.259   1.00 28.21 ? 37  GLN A CD  1 
ATOM   258 O OE1 . GLN A 1 33 ? 9.717   2.488   2.822   1.00 28.38 ? 37  GLN A OE1 1 
ATOM   259 N NE2 . GLN A 1 33 ? 9.881   0.272   2.840   1.00 31.07 ? 37  GLN A NE2 1 
ATOM   260 N N   . ILE A 1 34 ? 4.210   1.095   0.123   1.00 14.56 ? 38  ILE A N   1 
ATOM   261 C CA  . ILE A 1 34 ? 2.976   0.424   0.649   1.00 14.57 ? 38  ILE A CA  1 
ATOM   262 C C   . ILE A 1 34 ? 2.023   0.018   -0.493  1.00 14.46 ? 38  ILE A C   1 
ATOM   263 O O   . ILE A 1 34 ? 1.662   0.818   -1.381  1.00 16.06 ? 38  ILE A O   1 
ATOM   264 C CB  . ILE A 1 34 ? 2.243   1.402   1.553   1.00 14.96 ? 38  ILE A CB  1 
ATOM   265 C CG1 . ILE A 1 34 ? 3.220   1.838   2.613   1.00 20.01 ? 38  ILE A CG1 1 
ATOM   266 C CG2 . ILE A 1 34 ? 1.061   0.716   2.248   1.00 17.79 ? 38  ILE A CG2 1 
ATOM   267 C CD1 . ILE A 1 34 ? 2.674   2.682   3.695   1.00 25.93 ? 38  ILE A CD1 1 
ATOM   268 N N   . VAL A 1 35 ? 1.628   -1.241  -0.482  1.00 14.66 ? 39  VAL A N   1 
ATOM   269 C CA  . VAL A 1 35 ? 0.766   -1.796  -1.513  1.00 15.15 ? 39  VAL A CA  1 
ATOM   270 C C   . VAL A 1 35 ? -0.438  -2.398  -0.790  1.00 16.05 ? 39  VAL A C   1 
ATOM   271 O O   . VAL A 1 35 ? -0.338  -2.866  0.354   1.00 18.63 ? 39  VAL A O   1 
ATOM   272 C CB  . VAL A 1 35 ? 1.510   -2.884  -2.287  1.00 16.11 ? 39  VAL A CB  1 
ATOM   273 C CG1 . VAL A 1 35 ? 0.489   -3.660  -3.186  1.00 17.79 ? 39  VAL A CG1 1 
ATOM   274 C CG2 . VAL A 1 35 ? 2.650   -2.253  -3.036  1.00 17.22 ? 39  VAL A CG2 1 
ATOM   275 N N   . ALA A 1 36 ? -1.610  -2.350  -1.400  1.00 13.77 ? 40  ALA A N   1 
ATOM   276 C CA  . ALA A 1 36 ? -2.836  -2.984  -0.783  1.00 16.24 ? 40  ALA A CA  1 
ATOM   277 C C   . ALA A 1 36 ? -3.301  -3.952  -1.829  1.00 18.91 ? 40  ALA A C   1 
ATOM   278 O O   . ALA A 1 36 ? -3.282  -3.689  -3.073  1.00 17.20 ? 40  ALA A O   1 
ATOM   279 C CB  . ALA A 1 36 ? -3.920  -1.969  -0.553  1.00 17.77 ? 40  ALA A CB  1 
ATOM   280 N N   . ARG A 1 37 ? -3.787  -5.097  -1.376  1.00 17.00 ? 41  ARG A N   1 
ATOM   281 C CA  . ARG A 1 37 ? -4.547  -6.001  -2.207  1.00 19.09 ? 41  ARG A CA  1 
ATOM   282 C C   . ARG A 1 37 ? -6.021  -5.786  -1.892  1.00 16.97 ? 41  ARG A C   1 
ATOM   283 O O   . ARG A 1 37 ? -6.369  -5.842  -0.774  1.00 18.86 ? 41  ARG A O   1 
ATOM   284 C CB  . ARG A 1 37 ? -4.131  -7.407  -1.904  1.00 22.39 ? 41  ARG A CB  1 
ATOM   285 C CG  . ARG A 1 37 ? -4.952  -8.457  -2.453  1.00 27.26 ? 41  ARG A CG  1 
ATOM   286 C CD  . ARG A 1 37 ? -4.561  -8.828  -3.787  1.00 30.32 ? 41  ARG A CD  1 
ATOM   287 N NE  . ARG A 1 37 ? -3.316  -9.541  -3.916  1.00 26.23 ? 41  ARG A NE  1 
ATOM   288 C CZ  . ARG A 1 37 ? -2.815  -9.844  -5.086  1.00 30.28 ? 41  ARG A CZ  1 
ATOM   289 N NH1 . ARG A 1 37 ? -3.467  -9.528  -6.162  1.00 30.36 ? 41  ARG A NH1 1 
ATOM   290 N NH2 . ARG A 1 37 ? -1.688  -10.453 -5.202  1.00 29.39 ? 41  ARG A NH2 1 
ATOM   291 N N   . LEU A 1 38 ? -6.848  -5.464  -2.894  1.00 18.56 ? 42  LEU A N   1 
ATOM   292 C CA  . LEU A 1 38 ? -8.161  -5.055  -2.657  1.00 17.68 ? 42  LEU A CA  1 
ATOM   293 C C   . LEU A 1 38 ? -9.156  -6.227  -2.607  1.00 20.01 ? 42  LEU A C   1 
ATOM   294 O O   . LEU A 1 38 ? -9.016  -7.201  -3.345  1.00 22.03 ? 42  LEU A O   1 
ATOM   295 C CB  . LEU A 1 38 ? -8.613  -4.078  -3.754  1.00 16.94 ? 42  LEU A CB  1 
ATOM   296 C CG  . LEU A 1 38 ? -7.714  -2.819  -3.898  1.00 16.85 ? 42  LEU A CG  1 
ATOM   297 C CD1 . LEU A 1 38 ? -8.304  -1.954  -5.009  1.00 20.06 ? 42  LEU A CD1 1 
ATOM   298 C CD2 . LEU A 1 38 ? -7.608  -2.007  -2.568  1.00 21.60 ? 42  LEU A CD2 1 
ATOM   299 N N   . LYS A 1 39 ? -10.144 -6.081  -1.769  1.00 21.68 ? 43  LYS A N   1 
ATOM   300 C CA  . LYS A 1 39 ? -11.200 -7.104  -1.576  1.00 24.96 ? 43  LYS A CA  1 
ATOM   301 C C   . LYS A 1 39 ? -12.115 -7.213  -2.815  1.00 27.79 ? 43  LYS A C   1 
ATOM   302 O O   . LYS A 1 39 ? -12.455 -8.324  -3.231  1.00 30.34 ? 43  LYS A O   1 
ATOM   303 C CB  . LYS A 1 39 ? -12.006 -6.808  -0.299  1.00 24.62 ? 43  LYS A CB  1 
ATOM   304 C CG  . LYS A 1 39 ? -11.295 -7.191  0.992   1.00 24.70 ? 43  LYS A CG  1 
ATOM   305 C CD  . LYS A 1 39 ? -12.178 -7.133  2.232   1.00 23.15 ? 43  LYS A CD  1 
ATOM   306 C CE  . LYS A 1 39 ? -11.373 -7.533  3.453   1.00 27.38 ? 43  LYS A CE  1 
ATOM   307 N NZ  . LYS A 1 39 ? -12.275 -7.570  4.658   1.00 31.25 ? 43  LYS A NZ  1 
ATOM   308 N N   . ASN A 1 40 ? -12.507 -6.089  -3.388  1.00 28.55 ? 44  ASN A N   1 
ATOM   309 C CA  . ASN A 1 40 ? -13.581 -6.100  -4.403  1.00 31.28 ? 44  ASN A CA  1 
ATOM   310 C C   . ASN A 1 40 ? -13.162 -6.742  -5.738  1.00 32.56 ? 44  ASN A C   1 
ATOM   311 O O   . ASN A 1 40 ? -14.017 -7.208  -6.525  1.00 35.24 ? 44  ASN A O   1 
ATOM   312 C CB  . ASN A 1 40 ? -14.139 -4.690  -4.612  1.00 30.37 ? 44  ASN A CB  1 
ATOM   313 C CG  . ASN A 1 40 ? -13.199 -3.780  -5.363  1.00 35.18 ? 44  ASN A CG  1 
ATOM   314 O OD1 . ASN A 1 40 ? -12.083 -3.553  -4.947  1.00 34.17 ? 44  ASN A OD1 1 
ATOM   315 N ND2 . ASN A 1 40 ? -13.676 -3.201  -6.475  1.00 39.15 ? 44  ASN A ND2 1 
ATOM   316 N N   . ASN A 1 41 ? -11.860 -6.791  -6.001  1.00 30.68 ? 45  ASN A N   1 
ATOM   317 C CA  . ASN A 1 41 ? -11.396 -7.249  -7.262  1.00 30.71 ? 45  ASN A CA  1 
ATOM   318 C C   . ASN A 1 41 ? -10.019 -7.899  -7.301  1.00 30.21 ? 45  ASN A C   1 
ATOM   319 O O   . ASN A 1 41 ? -9.510  -8.187  -8.407  1.00 31.38 ? 45  ASN A O   1 
ATOM   320 C CB  . ASN A 1 41 ? -11.428 -6.100  -8.231  1.00 31.34 ? 45  ASN A CB  1 
ATOM   321 C CG  . ASN A 1 41 ? -10.526 -4.971  -7.842  1.00 35.09 ? 45  ASN A CG  1 
ATOM   322 O OD1 . ASN A 1 41 ? -9.631  -5.092  -6.969  1.00 33.12 ? 45  ASN A OD1 1 
ATOM   323 N ND2 . ASN A 1 41 ? -10.751 -3.826  -8.464  1.00 36.32 ? 45  ASN A ND2 1 
ATOM   324 N N   . ASN A 1 42 ? -9.436  -8.099  -6.131  1.00 26.61 ? 46  ASN A N   1 
ATOM   325 C CA  . ASN A 1 42 ? -8.165  -8.787  -5.936  1.00 27.12 ? 46  ASN A CA  1 
ATOM   326 C C   . ASN A 1 42 ? -7.054  -8.050  -6.684  1.00 25.34 ? 46  ASN A C   1 
ATOM   327 O O   . ASN A 1 42 ? -6.018  -8.612  -6.968  1.00 27.28 ? 46  ASN A O   1 
ATOM   328 C CB  . ASN A 1 42 ? -8.179  -10.246 -6.376  1.00 29.02 ? 46  ASN A CB  1 
ATOM   329 C CG  . ASN A 1 42 ? -7.208  -11.126 -5.610  1.00 32.99 ? 46  ASN A CG  1 
ATOM   330 O OD1 . ASN A 1 42 ? -7.200  -11.180 -4.354  1.00 33.89 ? 46  ASN A OD1 1 
ATOM   331 N ND2 . ASN A 1 42 ? -6.397  -11.896 -6.371  1.00 38.49 ? 46  ASN A ND2 1 
ATOM   332 N N   . ARG A 1 43 ? -7.264  -6.770  -6.979  1.00 24.09 ? 47  ARG A N   1 
ATOM   333 C CA  . ARG A 1 43 ? -6.187  -5.994  -7.586  1.00 21.96 ? 47  ARG A CA  1 
ATOM   334 C C   . ARG A 1 43 ? -5.129  -5.568  -6.559  1.00 19.33 ? 47  ARG A C   1 
ATOM   335 O O   . ARG A 1 43 ? -5.494  -5.319  -5.452  1.00 20.58 ? 47  ARG A O   1 
ATOM   336 C CB  . ARG A 1 43 ? -6.735  -4.646  -8.108  1.00 22.57 ? 47  ARG A CB  1 
ATOM   337 C CG  . ARG A 1 43 ? -7.454  -4.711  -9.340  1.00 29.81 ? 47  ARG A CG  1 
ATOM   338 C CD  . ARG A 1 43 ? -7.800  -3.299  -9.799  1.00 37.44 ? 47  ARG A CD  1 
ATOM   339 N NE  . ARG A 1 43 ? -8.343  -3.421  -11.139 1.00 39.61 ? 47  ARG A NE  1 
ATOM   340 C CZ  . ARG A 1 43 ? -7.711  -3.015  -12.226 1.00 37.37 ? 47  ARG A CZ  1 
ATOM   341 N NH1 . ARG A 1 43 ? -6.556  -2.378  -12.103 1.00 32.90 ? 47  ARG A NH1 1 
ATOM   342 N NH2 . ARG A 1 43 ? -8.285  -3.222  -13.405 1.00 36.06 ? 47  ARG A NH2 1 
ATOM   343 N N   . GLN A 1 44 ? -3.862  -5.409  -6.947  1.00 17.87 ? 48  GLN A N   1 
ATOM   344 C CA  . GLN A 1 44 ? -2.867  -4.761  -6.047  1.00 16.75 ? 48  GLN A CA  1 
ATOM   345 C C   . GLN A 1 44 ? -2.698  -3.327  -6.485  1.00 17.32 ? 48  GLN A C   1 
ATOM   346 O O   . GLN A 1 44 ? -2.695  -3.085  -7.693  1.00 19.27 ? 48  GLN A O   1 
ATOM   347 C CB  . GLN A 1 44 ? -1.486  -5.386  -6.159  1.00 20.78 ? 48  GLN A CB  1 
ATOM   348 C CG  . GLN A 1 44 ? -1.454  -6.826  -5.654  1.00 22.64 ? 48  GLN A CG  1 
ATOM   349 C CD  . GLN A 1 44 ? 0.019   -7.251  -5.625  1.00 28.44 ? 48  GLN A CD  1 
ATOM   350 O OE1 . GLN A 1 44 ? 0.655   -7.183  -4.578  1.00 29.64 ? 48  GLN A OE1 1 
ATOM   351 N NE2 . GLN A 1 44 ? 0.544   -7.664  -6.763  1.00 28.18 ? 48  GLN A NE2 1 
ATOM   352 N N   . VAL A 1 45 ? -2.710  -2.413  -5.509  1.00 15.97 ? 49  VAL A N   1 
ATOM   353 C CA  . VAL A 1 45 ? -2.488  -0.971  -5.888  1.00 14.59 ? 49  VAL A CA  1 
ATOM   354 C C   . VAL A 1 45 ? -1.525  -0.398  -4.937  1.00 15.42 ? 49  VAL A C   1 
ATOM   355 O O   . VAL A 1 45 ? -1.384  -0.906  -3.848  1.00 17.28 ? 49  VAL A O   1 
ATOM   356 C CB  . VAL A 1 45 ? -3.841  -0.165  -5.791  1.00 13.56 ? 49  VAL A CB  1 
ATOM   357 C CG1 . VAL A 1 45 ? -4.831  -0.696  -6.798  1.00 14.54 ? 49  VAL A CG1 1 
ATOM   358 C CG2 . VAL A 1 45 ? -4.472  -0.165  -4.380  1.00 18.20 ? 49  VAL A CG2 1 
ATOM   359 N N   . CYS A 1 46 ? -0.762  0.639   -5.264  1.00 14.41 ? 50  CYS A N   1 
ATOM   360 C CA  . CYS A 1 46 ? 0.101   1.287   -4.270  1.00 14.19 ? 50  CYS A CA  1 
ATOM   361 C C   . CYS A 1 46 ? -0.710  2.385   -3.604  1.00 14.79 ? 50  CYS A C   1 
ATOM   362 O O   . CYS A 1 46 ? -1.689  2.913   -4.174  1.00 16.97 ? 50  CYS A O   1 
ATOM   363 C CB  . CYS A 1 46 ? 1.217   2.011   -4.997  1.00 16.01 ? 50  CYS A CB  1 
ATOM   364 S SG  . CYS A 1 46 ? 2.252   0.846   -5.959  1.00 21.83 ? 50  CYS A SG  1 
ATOM   365 N N   . ILE A 1 47 ? -0.454  2.563   -2.289  1.00 16.10 ? 51  ILE A N   1 
ATOM   366 C CA  . ILE A 1 47 ? -1.243  3.419   -1.419  1.00 18.54 ? 51  ILE A CA  1 
ATOM   367 C C   . ILE A 1 47 ? -0.465  4.618   -0.873  1.00 15.91 ? 51  ILE A C   1 
ATOM   368 O O   . ILE A 1 47 ? 0.782   4.526   -0.588  1.00 17.02 ? 51  ILE A O   1 
ATOM   369 C CB  . ILE A 1 47 ? -1.741  2.420   -0.356  1.00 22.30 ? 51  ILE A CB  1 
ATOM   370 C CG1 . ILE A 1 47 ? -3.182  2.021   -0.875  1.00 24.81 ? 51  ILE A CG1 1 
ATOM   371 C CG2 . ILE A 1 47 ? -1.679  2.888   1.012   1.00 26.36 ? 51  ILE A CG2 1 
ATOM   372 C CD1 . ILE A 1 47 ? -3.285  0.746   -1.140  1.00 38.06 ? 51  ILE A CD1 1 
ATOM   373 N N   . ASP A 1 48 ? -1.169  5.771   -0.761  1.00 17.68 ? 52  ASP A N   1 
ATOM   374 C CA  . ASP A 1 48 ? -0.618  6.973   -0.119  1.00 17.94 ? 52  ASP A CA  1 
ATOM   375 C C   . ASP A 1 48 ? -0.150  6.703   1.305   1.00 18.62 ? 52  ASP A C   1 
ATOM   376 O O   . ASP A 1 48 ? -0.901  6.215   2.084   1.00 19.65 ? 52  ASP A O   1 
ATOM   377 C CB  . ASP A 1 48 ? -1.765  7.962   -0.119  1.00 18.50 ? 52  ASP A CB  1 
ATOM   378 C CG  . ASP A 1 48 ? -1.378  9.297   0.349   1.00 22.59 ? 52  ASP A CG  1 
ATOM   379 O OD1 . ASP A 1 48 ? -0.301  9.497   0.860   1.00 22.15 ? 52  ASP A OD1 1 
ATOM   380 O OD2 . ASP A 1 48 ? -2.230  10.229  0.204   1.00 28.28 ? 52  ASP A OD2 1 
ATOM   381 N N   . PRO A 1 49 ? 1.166   6.825   1.560   1.00 19.83 ? 53  PRO A N   1 
ATOM   382 C CA  . PRO A 1 49 ? 1.636   6.510   2.903   1.00 21.28 ? 53  PRO A CA  1 
ATOM   383 C C   . PRO A 1 49 ? 1.075   7.427   3.967   1.00 24.29 ? 53  PRO A C   1 
ATOM   384 O O   . PRO A 1 49 ? 1.141   7.080   5.127   1.00 26.61 ? 53  PRO A O   1 
ATOM   385 C CB  . PRO A 1 49 ? 3.137   6.683   2.784   1.00 24.63 ? 53  PRO A CB  1 
ATOM   386 C CG  . PRO A 1 49 ? 3.302   7.595   1.832   1.00 22.68 ? 53  PRO A CG  1 
ATOM   387 C CD  . PRO A 1 49 ? 2.226   7.321   0.719   1.00 21.16 ? 53  PRO A CD  1 
ATOM   388 N N   . LYS A 1 50 ? 0.435   8.505   3.569   1.00 23.94 ? 54  LYS A N   1 
ATOM   389 C CA  . LYS A 1 50 ? -0.357  9.397   4.522   1.00 25.83 ? 54  LYS A CA  1 
ATOM   390 C C   . LYS A 1 50 ? -1.846  9.030   4.724   1.00 26.16 ? 54  LYS A C   1 
ATOM   391 O O   . LYS A 1 50 ? -2.556  9.775   5.432   1.00 28.42 ? 54  LYS A O   1 
ATOM   392 C CB  . LYS A 1 50 ? -0.249  10.878  4.119   1.00 27.65 ? 54  LYS A CB  1 
ATOM   393 C CG  . LYS A 1 50 ? 1.192   11.472  3.812   1.00 30.10 ? 54  LYS A CG  1 
ATOM   394 C CD  . LYS A 1 50 ? 1.173   12.801  2.906   1.00 37.28 ? 54  LYS A CD  1 
ATOM   395 N N   . LEU A 1 51 ? -2.321  7.944   4.140   1.00 27.92 ? 55  LEU A N   1 
ATOM   396 C CA  . LEU A 1 51 ? -3.735  7.490   4.181   1.00 26.40 ? 55  LEU A CA  1 
ATOM   397 C C   . LEU A 1 51 ? -4.118  7.385   5.621   1.00 27.22 ? 55  LEU A C   1 
ATOM   398 O O   . LEU A 1 51 ? -3.427  6.762   6.457   1.00 25.24 ? 55  LEU A O   1 
ATOM   399 C CB  . LEU A 1 51 ? -3.959  6.159   3.431   1.00 29.49 ? 55  LEU A CB  1 
ATOM   400 C CG  . LEU A 1 51 ? -5.108  5.816   2.453   1.00 31.68 ? 55  LEU A CG  1 
ATOM   401 C CD1 . LEU A 1 51 ? -5.264  4.298   2.285   1.00 32.30 ? 55  LEU A CD1 1 
ATOM   402 C CD2 . LEU A 1 51 ? -6.482  6.435   2.716   1.00 31.10 ? 55  LEU A CD2 1 
ATOM   403 N N   . LYS A 1 52 ? -5.240  8.029   5.929   1.00 27.89 ? 56  LYS A N   1 
ATOM   404 C CA  . LYS A 1 52 ? -5.643  8.246   7.294   1.00 26.20 ? 56  LYS A CA  1 
ATOM   405 C C   . LYS A 1 52 ? -5.551  7.055   8.276   1.00 27.12 ? 56  LYS A C   1 
ATOM   406 O O   . LYS A 1 52 ? -5.063  7.201   9.396   1.00 30.38 ? 56  LYS A O   1 
ATOM   407 C CB  . LYS A 1 52 ? -7.069  8.848   7.274   1.00 27.26 ? 56  LYS A CB  1 
ATOM   408 N N   . TRP A 1 53 ? -6.040  5.891   7.851   1.00 23.67 ? 57  TRP A N   1 
ATOM   409 C CA  . TRP A 1 53 ? -6.242  4.759   8.700   1.00 19.66 ? 57  TRP A CA  1 
ATOM   410 C C   . TRP A 1 53 ? -5.019  3.824   8.796   1.00 20.08 ? 57  TRP A C   1 
ATOM   411 O O   . TRP A 1 53 ? -5.015  2.949   9.676   1.00 19.28 ? 57  TRP A O   1 
ATOM   412 C CB  . TRP A 1 53 ? -7.457  4.011   8.171   1.00 20.02 ? 57  TRP A CB  1 
ATOM   413 C CG  . TRP A 1 53 ? -7.397  3.537   6.742   1.00 20.88 ? 57  TRP A CG  1 
ATOM   414 C CD1 . TRP A 1 53 ? -7.963  4.139   5.630   1.00 22.52 ? 57  TRP A CD1 1 
ATOM   415 C CD2 . TRP A 1 53 ? -6.796  2.319   6.271   1.00 18.77 ? 57  TRP A CD2 1 
ATOM   416 N NE1 . TRP A 1 53 ? -7.741  3.346   4.498   1.00 22.40 ? 57  TRP A NE1 1 
ATOM   417 C CE2 . TRP A 1 53 ? -7.062  2.217   4.879   1.00 20.72 ? 57  TRP A CE2 1 
ATOM   418 C CE3 . TRP A 1 53 ? -6.119  1.274   6.917   1.00 19.87 ? 57  TRP A CE3 1 
ATOM   419 C CZ2 . TRP A 1 53 ? -6.583  1.124   4.092   1.00 21.45 ? 57  TRP A CZ2 1 
ATOM   420 C CZ3 . TRP A 1 53 ? -5.663  0.200   6.143   1.00 20.26 ? 57  TRP A CZ3 1 
ATOM   421 C CH2 . TRP A 1 53 ? -5.865  0.163   4.752   1.00 21.73 ? 57  TRP A CH2 1 
ATOM   422 N N   . ILE A 1 54 ? -4.013  4.069   7.959   1.00 19.34 ? 58  ILE A N   1 
ATOM   423 C CA  . ILE A 1 54 ? -2.875  3.094   7.916   1.00 20.08 ? 58  ILE A CA  1 
ATOM   424 C C   . ILE A 1 54 ? -2.065  3.011   9.204   1.00 21.19 ? 58  ILE A C   1 
ATOM   425 O O   . ILE A 1 54 ? -1.684  1.906   9.645   1.00 22.70 ? 58  ILE A O   1 
ATOM   426 C CB  . ILE A 1 54 ? -1.838  3.407   6.747   1.00 19.97 ? 58  ILE A CB  1 
ATOM   427 C CG1 . ILE A 1 54 ? -2.514  3.535   5.441   1.00 25.97 ? 58  ILE A CG1 1 
ATOM   428 C CG2 . ILE A 1 54 ? -0.649  2.416   6.833   1.00 27.56 ? 58  ILE A CG2 1 
ATOM   429 C CD1 . ILE A 1 54 ? -3.574  2.598   5.234   1.00 28.52 ? 58  ILE A CD1 1 
ATOM   430 N N   . GLN A 1 55 ? -1.688  4.149   9.798   1.00 21.79 ? 59  GLN A N   1 
ATOM   431 C CA  . GLN A 1 55 ? -0.874  4.145   10.995  1.00 22.40 ? 59  GLN A CA  1 
ATOM   432 C C   . GLN A 1 55 ? -1.497  3.286   12.094  1.00 21.35 ? 59  GLN A C   1 
ATOM   433 O O   . GLN A 1 55 ? -0.818  2.442   12.639  1.00 21.25 ? 59  GLN A O   1 
ATOM   434 C CB  . GLN A 1 55 ? -0.612  5.569   11.519  1.00 24.94 ? 59  GLN A CB  1 
ATOM   435 C CG  . GLN A 1 55 ? 0.473   5.571   12.582  1.00 27.18 ? 59  GLN A CG  1 
ATOM   436 C CD  . GLN A 1 55 ? 0.730   6.948   13.144  1.00 37.77 ? 59  GLN A CD  1 
ATOM   437 O OE1 . GLN A 1 55 ? 0.833   7.143   14.376  1.00 42.03 ? 59  GLN A OE1 1 
ATOM   438 N NE2 . GLN A 1 55 ? 0.827   7.921   12.260  1.00 38.04 ? 59  GLN A NE2 1 
ATOM   439 N N   . GLU A 1 56 ? -2.774  3.509   12.441  1.00 21.20 ? 60  GLU A N   1 
ATOM   440 C CA  . GLU A 1 56 ? -3.456  2.747   13.458  1.00 22.92 ? 60  GLU A CA  1 
ATOM   441 C C   . GLU A 1 56 ? -3.532  1.264   13.068  1.00 22.15 ? 60  GLU A C   1 
ATOM   442 O O   . GLU A 1 56 ? -3.410  0.417   13.890  1.00 22.64 ? 60  GLU A O   1 
ATOM   443 C CB  . GLU A 1 56 ? -4.862  3.329   13.748  1.00 24.18 ? 60  GLU A CB  1 
ATOM   444 C CG  . GLU A 1 56 ? -5.656  2.614   14.847  1.00 30.47 ? 60  GLU A CG  1 
ATOM   445 C CD  . GLU A 1 56 ? -6.987  3.294   15.111  1.00 39.79 ? 60  GLU A CD  1 
ATOM   446 O OE1 . GLU A 1 56 ? -8.029  2.856   14.545  1.00 43.78 ? 60  GLU A OE1 1 
ATOM   447 O OE2 . GLU A 1 56 ? -6.985  4.301   15.849  1.00 42.32 ? 60  GLU A OE2 1 
ATOM   448 N N   . TYR A 1 57 ? -3.787  0.991   11.780  1.00 20.50 ? 61  TYR A N   1 
ATOM   449 C CA  . TYR A 1 57 ? -3.904  -0.415  11.335  1.00 19.12 ? 61  TYR A CA  1 
ATOM   450 C C   . TYR A 1 57 ? -2.610  -1.156  11.574  1.00 20.14 ? 61  TYR A C   1 
ATOM   451 O O   . TYR A 1 57 ? -2.600  -2.296  12.091  1.00 19.58 ? 61  TYR A O   1 
ATOM   452 C CB  . TYR A 1 57 ? -4.210  -0.368  9.867   1.00 19.01 ? 61  TYR A CB  1 
ATOM   453 C CG  . TYR A 1 57 ? -4.286  -1.683  9.151   1.00 18.74 ? 61  TYR A CG  1 
ATOM   454 C CD1 . TYR A 1 57 ? -5.460  -2.413  9.096   1.00 19.17 ? 61  TYR A CD1 1 
ATOM   455 C CD2 . TYR A 1 57 ? -3.184  -2.162  8.517   1.00 16.41 ? 61  TYR A CD2 1 
ATOM   456 C CE1 . TYR A 1 57 ? -5.571  -3.700  8.424   1.00 19.74 ? 61  TYR A CE1 1 
ATOM   457 C CE2 . TYR A 1 57 ? -3.247  -3.428  7.802   1.00 15.13 ? 61  TYR A CE2 1 
ATOM   458 C CZ  . TYR A 1 57 ? -4.404  -4.120  7.679   1.00 17.55 ? 61  TYR A CZ  1 
ATOM   459 O OH  . TYR A 1 57 ? -4.482  -5.303  6.977   1.00 17.12 ? 61  TYR A OH  1 
ATOM   460 N N   . LEU A 1 58 ? -1.503  -0.521  11.230  1.00 20.15 ? 62  LEU A N   1 
ATOM   461 C CA  . LEU A 1 58 ? -0.208  -1.194  11.450  1.00 20.33 ? 62  LEU A CA  1 
ATOM   462 C C   . LEU A 1 58 ? 0.117   -1.344  12.941  1.00 21.00 ? 62  LEU A C   1 
ATOM   463 O O   . LEU A 1 58 ? 0.591   -2.388  13.383  1.00 23.01 ? 62  LEU A O   1 
ATOM   464 C CB  . LEU A 1 58 ? 0.862   -0.481  10.663  1.00 19.97 ? 62  LEU A CB  1 
ATOM   465 C CG  . LEU A 1 58 ? 0.681   -0.382  9.160   1.00 20.24 ? 62  LEU A CG  1 
ATOM   466 C CD1 . LEU A 1 58 ? 1.734   0.507   8.517   1.00 22.97 ? 62  LEU A CD1 1 
ATOM   467 C CD2 . LEU A 1 58 ? 0.837   -1.816  8.571   1.00 20.01 ? 62  LEU A CD2 1 
ATOM   468 N N   . GLU A 1 59 ? -0.221  -0.327  13.743  1.00 21.31 ? 63  GLU A N   1 
ATOM   469 C CA  . GLU A 1 59 ? 0.117   -0.292  15.173  1.00 23.27 ? 63  GLU A CA  1 
ATOM   470 C C   . GLU A 1 59 ? -0.562  -1.415  15.826  1.00 21.71 ? 63  GLU A C   1 
ATOM   471 O O   . GLU A 1 59 ? 0.035   -2.114  16.669  1.00 22.37 ? 63  GLU A O   1 
ATOM   472 C CB  . GLU A 1 59 ? -0.370  0.992   15.821  1.00 25.49 ? 63  GLU A CB  1 
ATOM   473 C CG  . GLU A 1 59 ? 0.459   2.233   15.445  1.00 32.40 ? 63  GLU A CG  1 
ATOM   474 C CD  . GLU A 1 59 ? -0.062  3.577   16.065  1.00 41.46 ? 63  GLU A CD  1 
ATOM   475 O OE1 . GLU A 1 59 ? -1.155  3.630   16.707  1.00 42.39 ? 63  GLU A OE1 1 
ATOM   476 O OE2 . GLU A 1 59 ? 0.642   4.598   15.876  1.00 43.17 ? 63  GLU A OE2 1 
ATOM   477 N N   . LYS A 1 60 ? -1.844  -1.568  15.482  1.00 22.90 ? 64  LYS A N   1 
ATOM   478 C CA  . LYS A 1 60 ? -2.663  -2.595  16.041  1.00 23.07 ? 64  LYS A CA  1 
ATOM   479 C C   . LYS A 1 60 ? -2.216  -4.025  15.691  1.00 22.50 ? 64  LYS A C   1 
ATOM   480 O O   . LYS A 1 60 ? -2.385  -4.939  16.500  1.00 22.91 ? 64  LYS A O   1 
ATOM   481 C CB  . LYS A 1 60 ? -4.118  -2.395  15.780  1.00 23.32 ? 64  LYS A CB  1 
ATOM   482 C CG  . LYS A 1 60 ? -4.712  -1.158  16.517  1.00 28.99 ? 64  LYS A CG  1 
ATOM   483 C CD  . LYS A 1 60 ? -6.214  -1.094  16.335  1.00 36.35 ? 64  LYS A CD  1 
ATOM   484 C CE  . LYS A 1 60 ? -6.781  -2.507  16.250  1.00 40.08 ? 64  LYS A CE  1 
ATOM   485 N N   . ALA A 1 61 ? -1.581  -4.199  14.535  1.00 22.58 ? 65  ALA A N   1 
ATOM   486 C CA  . ALA A 1 61 ? -1.073  -5.484  14.131  1.00 21.50 ? 65  ALA A CA  1 
ATOM   487 C C   . ALA A 1 61 ? 0.111   -5.977  14.950  1.00 22.27 ? 65  ALA A C   1 
ATOM   488 O O   . ALA A 1 61 ? 0.396   -7.149  15.007  1.00 22.10 ? 65  ALA A O   1 
ATOM   489 C CB  . ALA A 1 61 ? -0.688  -5.400  12.695  1.00 22.36 ? 65  ALA A CB  1 
ATOM   490 N N   . LEU A 1 62 ? 0.827   -5.070  15.615  1.00 19.79 ? 66  LEU A N   1 
ATOM   491 C CA  . LEU A 1 62 ? 1.998   -5.380  16.406  1.00 20.73 ? 66  LEU A CA  1 
ATOM   492 C C   . LEU A 1 62 ? 1.693   -5.809  17.851  1.00 23.83 ? 66  LEU A C   1 
ATOM   493 O O   . LEU A 1 62 ? 2.553   -6.339  18.576  1.00 25.50 ? 66  LEU A O   1 
ATOM   494 C CB  . LEU A 1 62 ? 2.843   -4.106  16.418  1.00 22.66 ? 66  LEU A CB  1 
ATOM   495 C CG  . LEU A 1 62 ? 3.926   -3.853  15.346  1.00 25.78 ? 66  LEU A CG  1 
ATOM   496 C CD1 . LEU A 1 62 ? 4.007   -4.944  14.283  1.00 27.46 ? 66  LEU A CD1 1 
ATOM   497 C CD2 . LEU A 1 62 ? 4.170   -2.462  14.923  1.00 34.06 ? 66  LEU A CD2 1 
ATOM   498 N N   . ASN A 1 63 ? 0.452   -5.558  18.266  1.00 25.89 ? 67  ASN A N   1 
HETATM 499 O O   . HOH B 2 .  ? -11.667 1.067   -2.007  1.00 19.19 ? 1   HOH A O   1 
HETATM 500 O O   . HOH B 2 .  ? -4.827  -4.093  12.246  1.00 24.14 ? 2   HOH A O   1 
HETATM 501 O O   . HOH B 2 .  ? -4.014  9.271   -5.356  1.00 24.59 ? 3   HOH A O   1 
HETATM 502 O O   . HOH B 2 .  ? 8.348   4.402   -5.361  1.00 20.26 ? 4   HOH A O   1 
HETATM 503 O O   . HOH B 2 .  ? -7.264  1.989   11.026  1.00 22.91 ? 68  HOH A O   1 
HETATM 504 O O   . HOH B 2 .  ? 0.513   7.366   7.729   1.00 31.56 ? 69  HOH A O   1 
HETATM 505 O O   . HOH B 2 .  ? -7.099  8.499   -5.043  1.00 21.81 ? 70  HOH A O   1 
HETATM 506 O O   . HOH B 2 .  ? 3.380   3.657   -0.727  1.00 26.90 ? 71  HOH A O   1 
HETATM 507 O O   . HOH B 2 .  ? -11.622 3.278   5.645   1.00 27.80 ? 72  HOH A O   1 
HETATM 508 O O   . HOH B 2 .  ? 8.373   1.662   -5.283  1.00 23.01 ? 73  HOH A O   1 
HETATM 509 O O   . HOH B 2 .  ? -8.199  5.615   -4.236  1.00 22.98 ? 74  HOH A O   1 
HETATM 510 O O   . HOH B 2 .  ? 9.031   3.867   -10.644 1.00 29.93 ? 75  HOH A O   1 
HETATM 511 O O   . HOH B 2 .  ? -1.895  6.887   8.815   1.00 29.21 ? 76  HOH A O   1 
HETATM 512 O O   . HOH B 2 .  ? 15.024  -2.509  5.163   1.00 29.95 ? 77  HOH A O   1 
HETATM 513 O O   . HOH B 2 .  ? -10.858 -1.344  -11.967 1.00 34.99 ? 78  HOH A O   1 
HETATM 514 O O   . HOH B 2 .  ? -13.495 0.981   5.605   1.00 24.77 ? 79  HOH A O   1 
HETATM 515 O O   . HOH B 2 .  ? -4.353  5.874   11.814  1.00 28.42 ? 80  HOH A O   1 
HETATM 516 O O   . HOH B 2 .  ? -3.715  -12.519 -2.038  1.00 43.48 ? 81  HOH A O   1 
HETATM 517 O O   . HOH B 2 .  ? 9.119   5.196   -13.751 1.00 32.77 ? 82  HOH A O   1 
HETATM 518 O O   . HOH B 2 .  ? 5.679   4.552   1.502   1.00 26.10 ? 83  HOH A O   1 
HETATM 519 O O   . HOH B 2 .  ? -4.349  -2.248  -10.648 1.00 37.46 ? 84  HOH A O   1 
HETATM 520 O O   . HOH B 2 .  ? -4.803  -5.510  14.547  1.00 28.59 ? 85  HOH A O   1 
HETATM 521 O O   . HOH B 2 .  ? 16.012  -4.634  0.357   1.00 29.07 ? 86  HOH A O   1 
HETATM 522 O O   . HOH B 2 .  ? -7.291  -0.180  12.786  1.00 26.96 ? 87  HOH A O   1 
HETATM 523 O O   . HOH B 2 .  ? -13.909 -0.773  8.166   1.00 39.19 ? 88  HOH A O   1 
HETATM 524 O O   . HOH B 2 .  ? -12.117 -4.035  7.855   1.00 32.60 ? 89  HOH A O   1 
HETATM 525 O O   . HOH B 2 .  ? -1.159  -8.142  -9.555  1.00 45.20 ? 90  HOH A O   1 
HETATM 526 O O   . HOH B 2 .  ? -3.035  -6.790  -9.500  1.00 32.92 ? 91  HOH A O   1 
HETATM 527 O O   . HOH B 2 .  ? 4.959   -0.409  -12.018 1.00 44.47 ? 92  HOH A O   1 
HETATM 528 O O   . HOH B 2 .  ? -12.766 0.809   13.615  1.00 37.04 ? 93  HOH A O   1 
HETATM 529 O O   . HOH B 2 .  ? -4.633  -11.713 2.209   1.00 30.35 ? 94  HOH A O   1 
HETATM 530 O O   . HOH B 2 .  ? 5.126   7.588   -15.727 1.00 36.20 ? 95  HOH A O   1 
HETATM 531 O O   . HOH B 2 .  ? 15.373  -0.959  -2.816  1.00 29.48 ? 96  HOH A O   1 
HETATM 532 O O   . HOH B 2 .  ? 5.326   -7.648  -4.416  1.00 43.13 ? 97  HOH A O   1 
HETATM 533 O O   . HOH B 2 .  ? -7.018  -11.048 4.662   1.00 37.71 ? 98  HOH A O   1 
HETATM 534 O O   . HOH B 2 .  ? 3.103   -9.409  -6.775  1.00 45.84 ? 99  HOH A O   1 
HETATM 535 O O   . HOH B 2 .  ? 6.561   5.377   -16.046 1.00 50.68 ? 100 HOH A O   1 
HETATM 536 O O   . HOH B 2 .  ? -5.420  -9.008  -10.431 1.00 48.10 ? 101 HOH A O   1 
HETATM 537 O O   . HOH B 2 .  ? -7.240  9.530   4.238   1.00 37.04 ? 102 HOH A O   1 
HETATM 538 O O   . HOH B 2 .  ? 4.421   10.455  -16.407 1.00 45.26 ? 103 HOH A O   1 
HETATM 539 O O   . HOH B 2 .  ? 1.613   11.331  -15.722 1.00 42.55 ? 104 HOH A O   1 
HETATM 540 O O   . HOH B 2 .  ? -8.886  9.038   2.006   1.00 35.46 ? 105 HOH A O   1 
HETATM 541 O O   . HOH B 2 .  ? 7.514   0.535   -11.939 1.00 38.53 ? 106 HOH A O   1 
HETATM 542 O O   . HOH B 2 .  ? 1.987   -1.096  18.247  1.00 33.40 ? 107 HOH A O   1 
HETATM 543 O O   . HOH B 2 .  ? 8.615   0.227   -3.560  1.00 36.35 ? 108 HOH A O   1 
HETATM 544 O O   . HOH B 2 .  ? -1.522  10.755  7.925   1.00 37.99 ? 109 HOH A O   1 
HETATM 545 O O   . HOH B 2 .  ? -7.626  7.249   -7.598  1.00 32.24 ? 110 HOH A O   1 
HETATM 546 O O   . HOH B 2 .  ? 3.859   -3.432  -6.981  1.00 45.42 ? 111 HOH A O   1 
HETATM 547 O O   . HOH B 2 .  ? 1.248   -2.534  -7.438  1.00 35.77 ? 112 HOH A O   1 
HETATM 548 O O   . HOH B 2 .  ? -7.363  -2.664  12.125  1.00 31.01 ? 113 HOH A O   1 
HETATM 549 O O   . HOH B 2 .  ? -4.884  -13.629 -4.873  1.00 52.41 ? 114 HOH A O   1 
HETATM 550 O O   . HOH B 2 .  ? 4.076   -5.569  -5.459  1.00 51.13 ? 115 HOH A O   1 
HETATM 551 O O   . HOH B 2 .  ? -12.715 -10.664 -5.573  1.00 46.09 ? 116 HOH A O   1 
HETATM 552 O O   . HOH B 2 .  ? 4.128   -6.976  20.913  1.00 43.85 ? 117 HOH A O   1 
HETATM 553 O O   . HOH B 2 .  ? -14.410 5.099   5.100   1.00 40.00 ? 118 HOH A O   1 
HETATM 554 O O   . HOH B 2 .  ? -3.279  7.287   13.603  1.00 39.38 ? 119 HOH A O   1 
HETATM 555 O O   . HOH B 2 .  ? -0.254  -11.514 -2.490  1.00 42.34 ? 120 HOH A O   1 
HETATM 556 O O   . HOH B 2 .  ? 2.041   8.872   9.227   1.00 48.06 ? 121 HOH A O   1 
# 
